data_8WNS
#
_entry.id   8WNS
#
_cell.length_a   1.00
_cell.length_b   1.00
_cell.length_c   1.00
_cell.angle_alpha   90.00
_cell.angle_beta   90.00
_cell.angle_gamma   90.00
#
_symmetry.space_group_name_H-M   'P 1'
#
loop_
_entity.id
_entity.type
_entity.pdbx_description
1 polymer 'Amino acid transporter heavy chain SLC3A2'
2 polymer 'Asc-type amino acid transporter 1'
3 non-polymer 2-acetamido-2-deoxy-beta-D-glucopyranose
#
loop_
_entity_poly.entity_id
_entity_poly.type
_entity_poly.pdbx_seq_one_letter_code
_entity_poly.pdbx_strand_id
1 'polypeptide(L)'
;MELQPPEASIAVVSIPRQLPGSHSEAGVQGLSAGDDSETGSDCVTQAGLQLLASSDPPALASKNAEVTVETGFHHVSQAD
IEFLTSIDPTASASGSAGITGTMSQDTEVDMKEVELNELEPEKQPMNAASGAAMSLAGAEKNGLVKIKVAEDEAEAAAAA
KFTGLSKEELLKVAGSPGWVRTRWALLLLFWLGWLGMLAGAVVIIVRAPRCRELPAQKWWHTGALYRIGDLQAFQGHGAG
NLAGLKGRLDYLSSLKVKGLVLGPIHKNQKDDVAQTDLLQIDPNFGSKEDFDSLLQSAKKKSIRVILDLTPNYRGENSWF
STQVDTVATKVKDALEFWLQAGVDGFQVRDIENLKDASSFLAEWQNITKGFSEDRLLIAGTNSSDLQQILSLLESNKDLL
LTSSYLSDSGSTGEHTKSLVTQYLNATGNRWCSWSLSQARLLTSFLPAQLLRLYQLMLFTLPGTPVFSYGDEIGLDAAAL
PGQPMEAPVMLWDESSFPDIPGAVSANMTVKGQSEDPGSLLSLFRRLSDQRSKERSLLHGDFHAFSAGPGLFSYIRHWDQ
NERFLVVLNFGDVGLSAGLQASDLPASASLPAKADLLLSTQPGREEGSPLELERLKLEPHEGLLLRFPYAA
;
A
2 'polypeptide(L)'
;MAGHTQQPSGRGNPRPAPSPSPVPGTVPGASERVALKKEIGLLSACTIIIGNIIGSGIFISPKGVLEHSGSVGLALFVWV
LGGGVTALGSLCYAELGVAIPKSGGDYAYVTEIFGGLAGFLLLWSAVLIMYPTSLAVISMTFSNYVLQPVFPNCIPPTTA
SRVLSMACLMLLTWVNSSSVRWATRIQDMFTGGKLLALSLIIGVGLLQIFQGHFEELRPSNAFAFWMTPSVGHLALAFLQ
GSFAFSGWNFLNYVTEEMVDARKNLPRAIFISIPLVTFVYTFTNIAYFTAMSPQELLSSNAVAVTFGEKLLGYFSWVMPV
SVALSTFGGINGYLFTYSRLCFSGAREGHLPSLLAMIHVRHCTPIPALLVCCGATAVIMLVGDTYTLINYVSFINYLCYG
VTILGLLLLRWRRPALHRPIKVNLLIPVAYLVFWAFLLVFSFISEPMVCGVGVIIILTGVPIFFLGVFWRSKPKCVHRLT
ESMTHWGQELCFVVYPQDAPEEEENGPCPPSLLPATDKPSKPQ
;
B
#
# COMPACT_ATOMS: atom_id res chain seq x y z
N THR A 163 -10.62 -54.24 8.33
CA THR A 163 -10.66 -53.06 9.19
C THR A 163 -11.33 -53.37 10.52
N GLY A 164 -11.12 -52.49 11.50
CA GLY A 164 -11.72 -52.65 12.81
C GLY A 164 -12.57 -51.48 13.22
N LEU A 165 -13.81 -51.74 13.61
CA LEU A 165 -14.74 -50.68 13.98
C LEU A 165 -15.83 -51.29 14.85
N SER A 166 -16.60 -50.40 15.49
CA SER A 166 -17.73 -50.80 16.32
C SER A 166 -19.01 -50.75 15.50
N LYS A 167 -19.87 -51.74 15.68
CA LYS A 167 -21.11 -51.82 14.93
C LYS A 167 -22.06 -50.71 15.37
N GLU A 168 -23.01 -50.39 14.48
CA GLU A 168 -23.98 -49.34 14.76
C GLU A 168 -24.84 -49.71 15.98
N GLU A 169 -25.34 -50.94 16.01
CA GLU A 169 -26.09 -51.40 17.19
C GLU A 169 -25.18 -51.53 18.40
N LEU A 170 -23.95 -52.01 18.20
CA LEU A 170 -23.00 -52.11 19.30
C LEU A 170 -22.65 -50.73 19.87
N LEU A 171 -22.45 -49.74 19.00
CA LEU A 171 -22.14 -48.40 19.46
C LEU A 171 -23.31 -47.80 20.24
N LYS A 172 -24.54 -48.02 19.75
CA LYS A 172 -25.71 -47.48 20.44
C LYS A 172 -25.82 -48.03 21.85
N VAL A 173 -25.57 -49.33 22.02
CA VAL A 173 -25.58 -49.93 23.35
C VAL A 173 -24.45 -49.35 24.21
N ALA A 174 -23.26 -49.21 23.63
CA ALA A 174 -22.11 -48.76 24.40
C ALA A 174 -22.25 -47.31 24.85
N GLY A 175 -22.76 -46.44 23.97
CA GLY A 175 -22.86 -45.03 24.25
C GLY A 175 -24.09 -44.60 25.00
N SER A 176 -24.94 -45.53 25.42
CA SER A 176 -26.20 -45.22 26.09
C SER A 176 -26.03 -44.84 27.56
N PRO A 177 -25.36 -45.66 28.41
CA PRO A 177 -25.48 -45.46 29.86
C PRO A 177 -24.96 -44.12 30.38
N GLY A 178 -23.69 -43.81 30.14
CA GLY A 178 -23.09 -42.65 30.76
C GLY A 178 -22.42 -41.66 29.82
N TRP A 179 -22.19 -42.09 28.58
CA TRP A 179 -21.52 -41.22 27.62
C TRP A 179 -22.39 -40.03 27.21
N VAL A 180 -23.71 -40.17 27.25
CA VAL A 180 -24.60 -39.09 26.83
C VAL A 180 -24.39 -37.86 27.71
N ARG A 181 -24.20 -38.06 29.01
CA ARG A 181 -23.93 -36.93 29.90
C ARG A 181 -22.62 -36.25 29.53
N THR A 182 -21.61 -37.02 29.13
CA THR A 182 -20.32 -36.44 28.78
C THR A 182 -20.43 -35.52 27.57
N ARG A 183 -21.19 -35.94 26.55
CA ARG A 183 -21.33 -35.12 25.35
C ARG A 183 -22.01 -33.79 25.68
N TRP A 184 -23.07 -33.83 26.50
CA TRP A 184 -23.79 -32.61 26.84
C TRP A 184 -22.90 -31.65 27.63
N ALA A 185 -22.10 -32.19 28.56
CA ALA A 185 -21.17 -31.34 29.31
C ALA A 185 -20.12 -30.72 28.39
N LEU A 186 -19.57 -31.53 27.47
CA LEU A 186 -18.58 -31.00 26.52
C LEU A 186 -19.21 -29.98 25.58
N LEU A 187 -20.42 -30.26 25.10
CA LEU A 187 -21.10 -29.32 24.22
C LEU A 187 -21.39 -28.00 24.94
N LEU A 188 -21.86 -28.08 26.20
CA LEU A 188 -22.09 -26.87 26.97
C LEU A 188 -20.79 -26.13 27.26
N LEU A 189 -19.73 -26.87 27.59
CA LEU A 189 -18.45 -26.24 27.87
C LEU A 189 -17.90 -25.54 26.63
N PHE A 190 -17.99 -26.19 25.46
CA PHE A 190 -17.49 -25.58 24.24
C PHE A 190 -18.30 -24.34 23.87
N TRP A 191 -19.62 -24.39 24.06
CA TRP A 191 -20.44 -23.21 23.80
C TRP A 191 -20.11 -22.08 24.76
N LEU A 192 -19.87 -22.40 26.03
CA LEU A 192 -19.51 -21.36 27.00
C LEU A 192 -18.18 -20.72 26.66
N GLY A 193 -17.21 -21.51 26.21
CA GLY A 193 -15.92 -20.95 25.82
C GLY A 193 -16.04 -20.02 24.64
N TRP A 194 -16.89 -20.36 23.67
CA TRP A 194 -17.10 -19.49 22.52
C TRP A 194 -17.72 -18.15 22.93
N LEU A 195 -18.70 -18.18 23.83
CA LEU A 195 -19.35 -16.95 24.25
C LEU A 195 -18.38 -16.03 24.99
N GLY A 196 -17.59 -16.59 25.91
CA GLY A 196 -16.60 -15.78 26.58
C GLY A 196 -15.51 -15.29 25.64
N MET A 197 -15.15 -16.11 24.65
CA MET A 197 -14.15 -15.70 23.67
C MET A 197 -14.62 -14.47 22.89
N LEU A 198 -15.89 -14.46 22.47
CA LEU A 198 -16.44 -13.28 21.80
C LEU A 198 -16.49 -12.10 22.75
N ALA A 199 -16.82 -12.33 24.02
CA ALA A 199 -16.88 -11.24 24.99
C ALA A 199 -15.51 -10.62 25.19
N GLY A 200 -14.47 -11.44 25.24
CA GLY A 200 -13.12 -10.91 25.42
C GLY A 200 -12.69 -9.99 24.28
N ALA A 201 -13.01 -10.38 23.04
CA ALA A 201 -12.65 -9.53 21.90
C ALA A 201 -13.35 -8.18 21.96
N VAL A 202 -14.64 -8.18 22.30
CA VAL A 202 -15.37 -6.92 22.41
C VAL A 202 -14.81 -6.08 23.55
N VAL A 203 -14.46 -6.74 24.67
CA VAL A 203 -13.84 -6.02 25.79
C VAL A 203 -12.51 -5.43 25.36
N ILE A 204 -11.70 -6.20 24.64
CA ILE A 204 -10.43 -5.68 24.14
C ILE A 204 -10.67 -4.55 23.15
N ILE A 205 -11.66 -4.71 22.27
CA ILE A 205 -11.94 -3.69 21.27
C ILE A 205 -12.36 -2.38 21.93
N VAL A 206 -13.24 -2.47 22.94
CA VAL A 206 -13.70 -1.26 23.62
C VAL A 206 -12.55 -0.57 24.33
N ARG A 207 -11.71 -1.34 25.02
CA ARG A 207 -10.59 -0.80 25.77
C ARG A 207 -9.31 -0.69 24.95
N ALA A 208 -9.44 -0.55 23.62
CA ALA A 208 -8.28 -0.40 22.77
C ALA A 208 -8.04 1.07 22.42
N PRO A 209 -6.79 1.45 22.21
CA PRO A 209 -6.51 2.84 21.82
C PRO A 209 -7.17 3.18 20.49
N ARG A 210 -7.66 4.42 20.39
CA ARG A 210 -8.39 4.87 19.23
C ARG A 210 -7.49 5.66 18.28
N CYS A 211 -7.84 5.65 17.01
CA CYS A 211 -7.09 6.39 16.01
C CYS A 211 -7.18 7.89 16.24
N ARG A 212 -6.16 8.61 15.78
CA ARG A 212 -6.16 10.06 15.84
C ARG A 212 -6.69 10.62 14.52
N GLU A 213 -7.50 11.66 14.62
CA GLU A 213 -8.12 12.26 13.44
C GLU A 213 -7.07 12.95 12.57
N LEU A 214 -7.27 12.87 11.26
CA LEU A 214 -6.42 13.58 10.31
C LEU A 214 -6.77 15.06 10.32
N PRO A 215 -5.81 15.94 10.02
CA PRO A 215 -6.04 17.38 10.12
C PRO A 215 -6.54 18.05 8.85
N ALA A 216 -6.80 17.30 7.77
CA ALA A 216 -7.38 17.83 6.54
C ALA A 216 -6.51 18.94 5.97
N GLN A 217 -5.31 18.54 5.56
CA GLN A 217 -4.32 19.49 5.06
C GLN A 217 -4.80 20.17 3.78
N LYS A 218 -4.42 21.45 3.64
CA LYS A 218 -4.70 22.21 2.43
C LYS A 218 -3.67 21.86 1.36
N TRP A 219 -3.63 22.62 0.27
CA TRP A 219 -2.71 22.29 -0.80
C TRP A 219 -1.30 22.81 -0.55
N TRP A 220 -1.14 23.86 0.24
CA TRP A 220 0.21 24.33 0.58
C TRP A 220 0.70 23.69 1.87
N HIS A 221 0.59 22.37 1.95
CA HIS A 221 1.05 21.62 3.10
C HIS A 221 1.84 20.37 2.73
N THR A 222 1.68 19.85 1.52
CA THR A 222 2.27 18.58 1.12
C THR A 222 3.46 18.73 0.18
N GLY A 223 4.12 19.88 0.20
CA GLY A 223 5.29 20.06 -0.63
C GLY A 223 5.83 21.46 -0.51
N ALA A 224 6.96 21.68 -1.16
CA ALA A 224 7.63 22.97 -1.11
C ALA A 224 6.93 23.97 -2.03
N LEU A 225 7.47 25.17 -2.08
CA LEU A 225 7.10 26.16 -3.08
C LEU A 225 8.36 26.60 -3.81
N TYR A 226 8.22 26.95 -5.08
CA TYR A 226 9.36 27.21 -5.94
C TYR A 226 9.24 28.61 -6.52
N ARG A 227 9.73 29.59 -5.77
CA ARG A 227 9.65 30.98 -6.23
C ARG A 227 10.41 31.16 -7.53
N ILE A 228 9.89 32.03 -8.39
CA ILE A 228 10.51 32.34 -9.68
C ILE A 228 10.59 33.86 -9.74
N GLY A 229 11.75 34.41 -9.37
CA GLY A 229 11.88 35.86 -9.31
C GLY A 229 11.75 36.52 -10.67
N ASP A 230 12.38 35.97 -11.69
CA ASP A 230 12.38 36.55 -13.02
C ASP A 230 12.26 35.44 -14.06
N LEU A 231 11.28 35.58 -14.96
CA LEU A 231 11.10 34.58 -16.00
C LEU A 231 12.18 34.66 -17.05
N GLN A 232 12.78 35.84 -17.24
CA GLN A 232 13.81 35.99 -18.28
C GLN A 232 15.02 35.13 -17.98
N ALA A 233 15.46 35.08 -16.72
CA ALA A 233 16.63 34.30 -16.36
C ALA A 233 16.32 32.83 -16.10
N PHE A 234 15.05 32.45 -15.97
CA PHE A 234 14.72 31.05 -15.77
C PHE A 234 14.96 30.23 -17.03
N GLN A 235 14.66 30.80 -18.19
CA GLN A 235 14.86 30.10 -19.46
C GLN A 235 16.00 30.67 -20.29
N GLY A 236 16.28 31.96 -20.20
CA GLY A 236 17.33 32.59 -20.97
C GLY A 236 16.77 33.43 -22.10
N HIS A 237 17.69 33.90 -22.94
CA HIS A 237 17.32 34.76 -24.06
C HIS A 237 16.55 33.96 -25.11
N GLY A 238 15.57 34.62 -25.73
CA GLY A 238 14.79 34.01 -26.78
C GLY A 238 13.64 33.14 -26.30
N ALA A 239 13.48 32.95 -25.00
CA ALA A 239 12.40 32.13 -24.48
C ALA A 239 11.75 32.74 -23.24
N GLY A 240 12.01 34.01 -22.93
CA GLY A 240 11.44 34.63 -21.76
C GLY A 240 9.97 34.95 -21.92
N ASN A 241 9.15 33.90 -22.00
CA ASN A 241 7.72 34.06 -22.22
C ASN A 241 6.98 32.97 -21.47
N LEU A 242 5.70 33.23 -21.21
CA LEU A 242 4.87 32.26 -20.49
C LEU A 242 4.71 30.98 -21.31
N ALA A 243 4.62 31.10 -22.64
CA ALA A 243 4.51 29.92 -23.48
C ALA A 243 5.73 29.03 -23.36
N GLY A 244 6.92 29.63 -23.33
CA GLY A 244 8.13 28.85 -23.13
C GLY A 244 8.15 28.20 -21.76
N LEU A 245 7.63 28.88 -20.75
CA LEU A 245 7.57 28.31 -19.41
C LEU A 245 6.69 27.06 -19.37
N LYS A 246 5.67 27.01 -20.23
CA LYS A 246 4.76 25.87 -20.24
C LYS A 246 5.48 24.55 -20.50
N GLY A 247 6.63 24.60 -21.18
CA GLY A 247 7.41 23.39 -21.41
C GLY A 247 8.25 22.95 -20.24
N ARG A 248 8.40 23.80 -19.22
CA ARG A 248 9.21 23.46 -18.05
C ARG A 248 8.42 22.72 -16.97
N LEU A 249 7.09 22.67 -17.06
CA LEU A 249 6.30 22.08 -15.99
C LEU A 249 6.60 20.60 -15.79
N ASP A 250 7.10 19.93 -16.83
CA ASP A 250 7.54 18.54 -16.66
C ASP A 250 8.74 18.47 -15.71
N TYR A 251 9.68 19.42 -15.87
CA TYR A 251 10.82 19.47 -14.98
C TYR A 251 10.39 19.78 -13.54
N LEU A 252 9.52 20.76 -13.37
CA LEU A 252 9.09 21.15 -12.02
C LEU A 252 8.35 20.01 -11.33
N SER A 253 7.50 19.29 -12.07
CA SER A 253 6.80 18.16 -11.47
C SER A 253 7.76 17.06 -11.05
N SER A 254 8.93 16.98 -11.70
CA SER A 254 9.94 16.04 -11.24
C SER A 254 10.48 16.45 -9.88
N LEU A 255 10.66 17.75 -9.65
CA LEU A 255 10.98 18.26 -8.33
C LEU A 255 9.82 18.08 -7.35
N LYS A 256 8.60 17.94 -7.88
CA LYS A 256 7.40 17.72 -7.07
C LYS A 256 7.11 18.90 -6.15
N VAL A 257 7.41 20.11 -6.63
CA VAL A 257 6.93 21.30 -5.94
C VAL A 257 5.42 21.38 -6.08
N LYS A 258 4.76 21.96 -5.07
CA LYS A 258 3.32 22.12 -5.08
C LYS A 258 2.88 23.54 -5.40
N GLY A 259 3.80 24.39 -5.86
CA GLY A 259 3.43 25.75 -6.20
C GLY A 259 4.55 26.54 -6.82
N LEU A 260 4.20 27.57 -7.59
CA LEU A 260 5.17 28.48 -8.18
C LEU A 260 4.77 29.90 -7.83
N VAL A 261 5.68 30.66 -7.23
CA VAL A 261 5.43 32.08 -6.98
C VAL A 261 5.92 32.81 -8.22
N LEU A 262 5.06 32.84 -9.23
CA LEU A 262 5.41 33.38 -10.54
C LEU A 262 5.30 34.90 -10.55
N GLY A 263 6.16 35.53 -11.33
CA GLY A 263 6.07 36.95 -11.56
C GLY A 263 7.03 37.77 -10.72
N PRO A 264 6.68 39.02 -10.45
CA PRO A 264 5.44 39.72 -10.85
C PRO A 264 5.45 40.10 -12.33
N ILE A 265 4.28 40.26 -12.94
CA ILE A 265 4.18 40.49 -14.38
C ILE A 265 3.29 41.67 -14.72
N HIS A 266 2.74 42.37 -13.74
CA HIS A 266 1.86 43.50 -14.02
C HIS A 266 2.65 44.64 -14.66
N LYS A 267 1.92 45.49 -15.38
CA LYS A 267 2.54 46.60 -16.10
C LYS A 267 3.09 47.63 -15.12
N ASN A 268 4.39 47.89 -15.22
CA ASN A 268 5.03 48.89 -14.35
C ASN A 268 6.30 49.37 -15.08
N GLN A 269 6.24 50.59 -15.63
CA GLN A 269 7.38 51.10 -16.38
C GLN A 269 8.46 51.63 -15.44
N LYS A 270 8.16 52.71 -14.72
CA LYS A 270 9.07 53.21 -13.71
C LYS A 270 8.41 54.22 -12.77
N ASP A 271 8.24 53.84 -11.50
CA ASP A 271 7.90 54.77 -10.42
C ASP A 271 6.75 55.71 -10.79
N ASP A 272 5.72 55.15 -11.42
CA ASP A 272 4.55 55.92 -11.86
C ASP A 272 3.30 55.25 -11.32
N VAL A 273 2.69 55.86 -10.31
CA VAL A 273 1.50 55.27 -9.68
C VAL A 273 0.35 55.21 -10.69
N ALA A 274 0.12 56.30 -11.43
CA ALA A 274 -0.97 56.33 -12.39
C ALA A 274 -0.73 55.32 -13.51
N GLN A 275 0.50 55.23 -14.02
CA GLN A 275 0.78 54.31 -15.12
C GLN A 275 0.70 52.86 -14.67
N THR A 276 1.19 52.60 -13.44
CA THR A 276 1.20 51.21 -12.91
C THR A 276 -0.22 50.66 -12.82
N ASP A 277 -0.54 49.66 -13.65
CA ASP A 277 -1.83 49.01 -13.63
C ASP A 277 -1.63 47.54 -13.33
N LEU A 278 -2.22 47.07 -12.23
CA LEU A 278 -2.09 45.68 -11.82
C LEU A 278 -3.10 44.77 -12.49
N LEU A 279 -3.99 45.31 -13.31
CA LEU A 279 -5.02 44.54 -13.98
C LEU A 279 -4.61 44.09 -15.38
N GLN A 280 -3.47 44.55 -15.88
CA GLN A 280 -3.05 44.29 -17.25
C GLN A 280 -1.67 43.64 -17.25
N ILE A 281 -1.54 42.55 -18.00
CA ILE A 281 -0.27 41.84 -18.11
C ILE A 281 0.62 42.59 -19.10
N ASP A 282 1.88 42.78 -18.74
CA ASP A 282 2.83 43.43 -19.63
C ASP A 282 3.05 42.57 -20.86
N PRO A 283 2.99 43.15 -22.08
CA PRO A 283 3.13 42.33 -23.28
C PRO A 283 4.49 41.66 -23.43
N ASN A 284 5.52 42.16 -22.73
CA ASN A 284 6.85 41.54 -22.85
C ASN A 284 6.84 40.10 -22.36
N PHE A 285 6.13 39.84 -21.26
CA PHE A 285 6.05 38.49 -20.72
C PHE A 285 5.04 37.61 -21.44
N GLY A 286 4.25 38.18 -22.35
CA GLY A 286 3.28 37.43 -23.12
C GLY A 286 1.93 38.12 -23.08
N SER A 287 0.89 37.35 -23.40
CA SER A 287 -0.48 37.84 -23.42
C SER A 287 -1.31 37.08 -22.39
N LYS A 288 -2.56 37.52 -22.22
CA LYS A 288 -3.44 36.89 -21.25
C LYS A 288 -3.76 35.45 -21.62
N GLU A 289 -3.87 35.15 -22.92
CA GLU A 289 -4.15 33.78 -23.35
C GLU A 289 -3.03 32.85 -22.92
N ASP A 290 -1.79 33.31 -22.99
CA ASP A 290 -0.66 32.50 -22.54
C ASP A 290 -0.77 32.18 -21.06
N PHE A 291 -1.16 33.16 -20.25
CA PHE A 291 -1.34 32.90 -18.82
C PHE A 291 -2.44 31.88 -18.59
N ASP A 292 -3.56 32.02 -19.31
CA ASP A 292 -4.64 31.06 -19.16
C ASP A 292 -4.21 29.65 -19.57
N SER A 293 -3.48 29.56 -20.68
CA SER A 293 -2.97 28.25 -21.11
C SER A 293 -2.00 27.69 -20.09
N LEU A 294 -1.23 28.55 -19.43
CA LEU A 294 -0.31 28.09 -18.39
C LEU A 294 -1.06 27.47 -17.23
N LEU A 295 -2.19 28.07 -16.83
CA LEU A 295 -2.93 27.55 -15.70
C LEU A 295 -3.48 26.16 -15.96
N GLN A 296 -4.04 25.93 -17.16
CA GLN A 296 -4.62 24.63 -17.46
C GLN A 296 -3.55 23.54 -17.47
N SER A 297 -2.40 23.80 -18.07
CA SER A 297 -1.31 22.83 -18.03
C SER A 297 -0.83 22.62 -16.61
N ALA A 298 -0.70 23.69 -15.83
CA ALA A 298 -0.31 23.56 -14.43
C ALA A 298 -1.40 22.85 -13.63
N LYS A 299 -2.66 23.21 -13.86
CA LYS A 299 -3.76 22.55 -13.15
C LYS A 299 -3.84 21.08 -13.49
N LYS A 300 -3.66 20.74 -14.77
CA LYS A 300 -3.66 19.33 -15.17
C LYS A 300 -2.52 18.58 -14.52
N LYS A 301 -1.41 19.25 -14.22
CA LYS A 301 -0.26 18.64 -13.57
C LYS A 301 -0.25 18.87 -12.06
N SER A 302 -1.32 19.45 -11.52
CA SER A 302 -1.44 19.74 -10.09
C SER A 302 -0.26 20.59 -9.59
N ILE A 303 0.00 21.67 -10.30
CA ILE A 303 1.05 22.63 -9.93
C ILE A 303 0.34 23.98 -9.78
N ARG A 304 -0.07 24.31 -8.57
CA ARG A 304 -0.86 25.51 -8.35
C ARG A 304 0.01 26.75 -8.51
N VAL A 305 -0.45 27.69 -9.32
CA VAL A 305 0.32 28.89 -9.65
C VAL A 305 -0.07 30.01 -8.70
N ILE A 306 0.92 30.65 -8.10
CA ILE A 306 0.72 31.80 -7.22
C ILE A 306 1.31 33.02 -7.89
N LEU A 307 0.51 34.07 -8.03
CA LEU A 307 0.96 35.29 -8.65
C LEU A 307 1.64 36.18 -7.60
N ASP A 308 2.48 37.11 -8.06
CA ASP A 308 3.10 38.11 -7.21
C ASP A 308 2.52 39.47 -7.54
N LEU A 309 2.30 40.29 -6.52
CA LEU A 309 1.59 41.55 -6.67
C LEU A 309 2.32 42.69 -5.97
N THR A 310 3.64 42.72 -6.05
CA THR A 310 4.37 43.87 -5.54
C THR A 310 4.19 45.03 -6.52
N PRO A 311 3.64 46.17 -6.09
CA PRO A 311 3.32 47.23 -7.06
C PRO A 311 4.52 47.77 -7.82
N ASN A 312 5.69 47.83 -7.19
CA ASN A 312 6.88 48.40 -7.81
C ASN A 312 8.04 47.42 -7.66
N TYR A 313 8.44 46.79 -8.76
CA TYR A 313 9.57 45.88 -8.74
C TYR A 313 10.77 46.37 -9.54
N ARG A 314 10.59 47.36 -10.42
CA ARG A 314 11.68 47.93 -11.19
C ARG A 314 12.25 49.18 -10.54
N GLY A 315 11.73 49.59 -9.38
CA GLY A 315 12.19 50.78 -8.70
C GLY A 315 12.83 50.44 -7.37
N GLU A 316 13.42 51.48 -6.75
CA GLU A 316 14.09 51.29 -5.47
C GLU A 316 13.10 50.98 -4.35
N ASN A 317 11.95 51.63 -4.36
CA ASN A 317 10.92 51.44 -3.34
C ASN A 317 9.78 50.61 -3.91
N SER A 318 9.38 49.58 -3.17
CA SER A 318 8.38 48.64 -3.66
C SER A 318 6.96 49.15 -3.56
N TRP A 319 6.71 50.21 -2.77
CA TRP A 319 5.35 50.69 -2.56
C TRP A 319 5.22 52.18 -2.86
N PHE A 320 6.14 52.74 -3.66
CA PHE A 320 6.09 54.13 -4.11
C PHE A 320 6.31 55.12 -2.97
N SER A 321 6.81 56.31 -3.30
CA SER A 321 7.03 57.36 -2.31
C SER A 321 5.80 58.24 -2.08
N THR A 322 4.75 58.06 -2.87
CA THR A 322 3.55 58.86 -2.75
C THR A 322 2.57 58.18 -1.79
N GLN A 323 1.32 58.64 -1.78
CA GLN A 323 0.30 58.05 -0.93
C GLN A 323 0.07 56.59 -1.28
N VAL A 324 -0.29 55.81 -0.28
CA VAL A 324 -0.44 54.36 -0.44
C VAL A 324 -1.89 53.92 -0.44
N ASP A 325 -2.85 54.81 -0.18
CA ASP A 325 -4.25 54.43 -0.20
C ASP A 325 -4.68 53.98 -1.61
N THR A 326 -4.24 54.72 -2.63
CA THR A 326 -4.54 54.31 -4.01
C THR A 326 -3.86 52.99 -4.34
N VAL A 327 -2.67 52.75 -3.77
CA VAL A 327 -1.99 51.48 -3.96
C VAL A 327 -2.82 50.35 -3.39
N ALA A 328 -3.39 50.55 -2.20
CA ALA A 328 -4.22 49.52 -1.59
C ALA A 328 -5.43 49.20 -2.45
N THR A 329 -6.09 50.22 -3.00
CA THR A 329 -7.22 49.98 -3.88
C THR A 329 -6.80 49.22 -5.13
N LYS A 330 -5.62 49.53 -5.67
CA LYS A 330 -5.12 48.81 -6.84
C LYS A 330 -4.92 47.33 -6.51
N VAL A 331 -4.39 47.03 -5.33
CA VAL A 331 -4.18 45.64 -4.94
C VAL A 331 -5.52 44.92 -4.81
N LYS A 332 -6.50 45.56 -4.16
CA LYS A 332 -7.81 44.94 -4.02
C LYS A 332 -8.47 44.74 -5.38
N ASP A 333 -8.36 45.72 -6.27
CA ASP A 333 -8.89 45.54 -7.62
C ASP A 333 -8.20 44.40 -8.35
N ALA A 334 -6.88 44.30 -8.19
CA ALA A 334 -6.15 43.20 -8.81
C ALA A 334 -6.60 41.86 -8.25
N LEU A 335 -6.84 41.79 -6.93
CA LEU A 335 -7.26 40.55 -6.30
C LEU A 335 -8.55 40.02 -6.92
N GLU A 336 -9.64 40.78 -6.78
CA GLU A 336 -10.94 40.32 -7.27
C GLU A 336 -10.89 39.95 -8.74
N PHE A 337 -10.05 40.64 -9.51
CA PHE A 337 -9.87 40.28 -10.92
C PHE A 337 -9.12 38.95 -11.05
N TRP A 338 -8.01 38.79 -10.33
CA TRP A 338 -7.16 37.64 -10.57
C TRP A 338 -7.70 36.36 -9.94
N LEU A 339 -8.41 36.44 -8.81
CA LEU A 339 -9.15 35.26 -8.37
C LEU A 339 -10.19 34.85 -9.39
N GLN A 340 -10.76 35.81 -10.13
CA GLN A 340 -11.66 35.46 -11.22
C GLN A 340 -10.90 34.76 -12.35
N ALA A 341 -9.65 35.15 -12.57
CA ALA A 341 -8.83 34.49 -13.59
C ALA A 341 -8.56 33.03 -13.22
N GLY A 342 -8.26 32.77 -11.96
CA GLY A 342 -8.04 31.40 -11.52
C GLY A 342 -6.74 31.15 -10.79
N VAL A 343 -6.09 32.20 -10.31
CA VAL A 343 -4.88 32.01 -9.51
C VAL A 343 -5.23 31.32 -8.20
N ASP A 344 -4.23 30.68 -7.59
CA ASP A 344 -4.42 29.90 -6.38
C ASP A 344 -3.74 30.53 -5.18
N GLY A 345 -3.51 31.83 -5.23
CA GLY A 345 -2.90 32.53 -4.12
C GLY A 345 -2.28 33.83 -4.57
N PHE A 346 -1.55 34.46 -3.64
CA PHE A 346 -0.87 35.71 -3.94
C PHE A 346 0.34 35.84 -3.02
N GLN A 347 1.26 36.73 -3.42
CA GLN A 347 2.41 37.05 -2.60
C GLN A 347 2.70 38.53 -2.70
N VAL A 348 2.96 39.16 -1.56
CA VAL A 348 3.39 40.54 -1.49
C VAL A 348 4.72 40.58 -0.76
N ARG A 349 5.70 41.26 -1.34
CA ARG A 349 7.04 41.31 -0.79
C ARG A 349 7.35 42.71 -0.27
N ASP A 350 8.29 42.78 0.66
CA ASP A 350 8.78 44.03 1.23
C ASP A 350 7.64 44.84 1.84
N ILE A 351 7.02 44.27 2.88
CA ILE A 351 5.96 44.98 3.60
C ILE A 351 6.51 45.90 4.67
N GLU A 352 7.84 46.00 4.82
CA GLU A 352 8.41 46.98 5.74
C GLU A 352 8.09 48.39 5.29
N ASN A 353 8.20 48.65 3.98
CA ASN A 353 7.93 49.97 3.45
C ASN A 353 6.46 50.33 3.45
N LEU A 354 5.57 49.37 3.72
CA LEU A 354 4.15 49.64 3.83
C LEU A 354 3.81 50.09 5.25
N LYS A 355 3.23 51.27 5.36
CA LYS A 355 2.86 51.81 6.66
C LYS A 355 1.57 51.19 7.15
N ASP A 356 1.54 50.83 8.44
CA ASP A 356 0.38 50.18 9.06
C ASP A 356 -0.02 48.93 8.27
N ALA A 357 0.99 48.12 7.93
CA ALA A 357 0.79 46.98 7.05
C ALA A 357 -0.10 45.91 7.65
N SER A 358 -0.28 45.91 8.97
CA SER A 358 -1.12 44.87 9.60
C SER A 358 -2.56 44.97 9.12
N SER A 359 -3.08 46.20 9.00
CA SER A 359 -4.47 46.36 8.56
C SER A 359 -4.66 45.90 7.12
N PHE A 360 -3.74 46.27 6.23
CA PHE A 360 -3.86 45.87 4.84
C PHE A 360 -3.76 44.36 4.68
N LEU A 361 -2.86 43.72 5.44
CA LEU A 361 -2.72 42.28 5.36
C LEU A 361 -4.00 41.58 5.82
N ALA A 362 -4.62 42.08 6.88
CA ALA A 362 -5.88 41.52 7.34
C ALA A 362 -6.98 41.67 6.29
N GLU A 363 -7.04 42.83 5.64
CA GLU A 363 -8.04 43.06 4.61
C GLU A 363 -7.82 42.14 3.41
N TRP A 364 -6.57 42.04 2.94
CA TRP A 364 -6.28 41.21 1.78
C TRP A 364 -6.50 39.73 2.08
N GLN A 365 -6.10 39.28 3.27
CA GLN A 365 -6.35 37.90 3.66
C GLN A 365 -7.84 37.63 3.79
N ASN A 366 -8.60 38.63 4.28
CA ASN A 366 -10.04 38.49 4.35
C ASN A 366 -10.66 38.31 2.96
N ILE A 367 -10.18 39.09 2.00
CA ILE A 367 -10.71 38.99 0.63
C ILE A 367 -10.26 37.69 -0.02
N THR A 368 -8.99 37.31 0.16
CA THR A 368 -8.47 36.11 -0.47
C THR A 368 -9.16 34.86 0.06
N LYS A 369 -9.31 34.75 1.38
CA LYS A 369 -10.06 33.65 1.96
C LYS A 369 -11.54 33.73 1.64
N GLY A 370 -12.06 34.93 1.38
CA GLY A 370 -13.47 35.07 1.06
C GLY A 370 -13.84 34.39 -0.25
N PHE A 371 -12.97 34.50 -1.25
CA PHE A 371 -13.25 33.85 -2.54
C PHE A 371 -13.31 32.34 -2.41
N SER A 372 -12.37 31.76 -1.66
CA SER A 372 -12.35 30.32 -1.44
C SER A 372 -11.47 30.03 -0.23
N GLU A 373 -11.63 28.83 0.30
CA GLU A 373 -10.84 28.39 1.45
C GLU A 373 -9.52 27.75 1.04
N ASP A 374 -9.25 27.65 -0.25
CA ASP A 374 -7.99 27.09 -0.75
C ASP A 374 -7.15 28.15 -1.47
N ARG A 375 -7.22 29.39 -1.00
CA ARG A 375 -6.40 30.48 -1.50
C ARG A 375 -5.62 31.08 -0.35
N LEU A 376 -4.32 31.30 -0.56
CA LEU A 376 -3.44 31.78 0.49
C LEU A 376 -2.79 33.09 0.08
N LEU A 377 -2.36 33.85 1.10
CA LEU A 377 -1.61 35.08 0.91
C LEU A 377 -0.26 34.92 1.57
N ILE A 378 0.80 35.30 0.86
CA ILE A 378 2.17 35.15 1.34
C ILE A 378 2.77 36.54 1.47
N ALA A 379 3.35 36.83 2.63
CA ALA A 379 3.96 38.11 2.90
C ALA A 379 5.45 37.94 3.15
N GLY A 380 6.22 38.91 2.69
CA GLY A 380 7.66 38.83 2.86
C GLY A 380 8.27 40.13 3.36
N THR A 381 9.07 40.05 4.42
CA THR A 381 9.76 41.20 4.97
C THR A 381 11.17 40.79 5.36
N ASN A 382 12.07 41.76 5.37
CA ASN A 382 13.49 41.49 5.59
C ASN A 382 13.88 41.56 7.07
N SER A 383 12.94 41.83 7.97
CA SER A 383 13.27 41.90 9.39
C SER A 383 13.73 40.54 9.90
N SER A 384 14.71 40.56 10.80
CA SER A 384 15.37 39.34 11.26
C SER A 384 15.20 39.10 12.75
N ASP A 385 14.29 39.80 13.41
CA ASP A 385 14.07 39.61 14.84
C ASP A 385 12.64 39.12 15.08
N LEU A 386 12.44 38.51 16.25
CA LEU A 386 11.20 37.79 16.50
C LEU A 386 10.04 38.72 16.83
N GLN A 387 10.33 39.97 17.22
CA GLN A 387 9.27 40.84 17.71
C GLN A 387 8.38 41.36 16.58
N GLN A 388 8.98 41.97 15.55
CA GLN A 388 8.17 42.53 14.48
C GLN A 388 7.46 41.44 13.69
N ILE A 389 8.08 40.26 13.59
CA ILE A 389 7.42 39.13 12.94
C ILE A 389 6.16 38.75 13.71
N LEU A 390 6.26 38.67 15.04
CA LEU A 390 5.08 38.40 15.85
C LEU A 390 4.10 39.57 15.80
N SER A 391 4.62 40.80 15.75
CA SER A 391 3.75 41.97 15.67
C SER A 391 2.98 42.01 14.36
N LEU A 392 3.42 41.26 13.35
CA LEU A 392 2.69 41.18 12.10
C LEU A 392 1.76 39.96 12.06
N LEU A 393 2.05 38.94 12.88
CA LEU A 393 1.24 37.74 12.93
C LEU A 393 0.30 37.71 14.13
N GLU A 394 0.21 38.80 14.88
CA GLU A 394 -0.68 38.82 16.04
C GLU A 394 -2.15 38.93 15.63
N SER A 395 -2.44 39.67 14.55
CA SER A 395 -3.81 39.81 14.08
C SER A 395 -4.23 38.70 13.13
N ASN A 396 -3.31 38.19 12.32
CA ASN A 396 -3.60 37.17 11.33
C ASN A 396 -2.90 35.88 11.69
N LYS A 397 -3.63 34.76 11.60
CA LYS A 397 -3.09 33.47 11.99
C LYS A 397 -2.93 32.49 10.84
N ASP A 398 -3.60 32.72 9.71
CA ASP A 398 -3.51 31.84 8.54
C ASP A 398 -2.68 32.47 7.42
N LEU A 399 -1.65 33.23 7.79
CA LEU A 399 -0.83 33.96 6.84
C LEU A 399 0.56 33.34 6.81
N LEU A 400 1.00 32.94 5.62
CA LEU A 400 2.37 32.47 5.44
C LEU A 400 3.29 33.66 5.32
N LEU A 401 4.26 33.77 6.23
CA LEU A 401 5.19 34.89 6.24
C LEU A 401 6.60 34.35 6.07
N THR A 402 7.26 34.78 5.00
CA THR A 402 8.66 34.43 4.74
C THR A 402 9.52 35.61 5.14
N SER A 403 10.48 35.38 6.03
CA SER A 403 11.29 36.44 6.58
C SER A 403 12.73 35.99 6.66
N SER A 404 13.64 36.96 6.75
CA SER A 404 15.05 36.65 6.90
C SER A 404 15.38 36.34 8.35
N TYR A 405 14.62 35.43 8.95
CA TYR A 405 14.82 35.09 10.35
C TYR A 405 16.04 34.20 10.54
N LEU A 406 16.27 33.28 9.60
CA LEU A 406 17.43 32.39 9.64
C LEU A 406 18.54 32.85 8.70
N SER A 407 18.57 34.13 8.34
CA SER A 407 19.55 34.61 7.38
C SER A 407 20.97 34.43 7.89
N ASP A 408 21.21 34.73 9.17
CA ASP A 408 22.53 34.54 9.75
C ASP A 408 22.72 33.08 10.12
N SER A 409 23.87 32.52 9.72
CA SER A 409 24.16 31.12 9.99
C SER A 409 24.96 30.93 11.28
N GLY A 410 26.16 31.50 11.31
CA GLY A 410 27.00 31.40 12.49
C GLY A 410 27.74 30.07 12.58
N SER A 411 27.36 29.12 11.73
CA SER A 411 27.95 27.78 11.71
C SER A 411 27.88 27.11 13.07
N THR A 412 26.85 27.42 13.85
CA THR A 412 26.68 26.89 15.20
C THR A 412 25.32 26.21 15.30
N GLY A 413 25.32 24.92 15.60
CA GLY A 413 24.08 24.19 15.71
C GLY A 413 23.22 24.65 16.87
N GLU A 414 23.84 25.03 17.99
CA GLU A 414 23.07 25.47 19.15
C GLU A 414 22.31 26.76 18.85
N HIS A 415 22.93 27.70 18.14
CA HIS A 415 22.25 28.95 17.82
C HIS A 415 21.07 28.72 16.89
N THR A 416 21.24 27.87 15.88
CA THR A 416 20.12 27.53 15.01
C THR A 416 19.04 26.78 15.77
N LYS A 417 19.44 25.91 16.70
CA LYS A 417 18.47 25.22 17.54
C LYS A 417 17.66 26.20 18.36
N SER A 418 18.31 27.24 18.88
CA SER A 418 17.59 28.28 19.60
C SER A 418 16.65 29.04 18.69
N LEU A 419 17.09 29.37 17.48
CA LEU A 419 16.29 30.19 16.58
C LEU A 419 14.99 29.48 16.21
N VAL A 420 15.08 28.19 15.85
CA VAL A 420 13.89 27.46 15.44
C VAL A 420 12.97 27.20 16.64
N THR A 421 13.54 26.75 17.75
CA THR A 421 12.72 26.40 18.90
C THR A 421 12.00 27.61 19.47
N GLN A 422 12.70 28.74 19.59
CA GLN A 422 12.07 29.94 20.13
C GLN A 422 10.95 30.44 19.23
N TYR A 423 11.18 30.42 17.91
CA TYR A 423 10.17 30.90 16.98
C TYR A 423 8.91 30.05 17.05
N LEU A 424 9.05 28.74 17.11
CA LEU A 424 7.89 27.87 17.26
C LEU A 424 7.21 28.11 18.60
N ASN A 425 7.99 28.21 19.68
CA ASN A 425 7.41 28.38 21.01
C ASN A 425 6.63 29.68 21.11
N ALA A 426 7.16 30.77 20.53
CA ALA A 426 6.48 32.05 20.60
C ALA A 426 5.13 32.00 19.91
N THR A 427 5.06 31.35 18.74
CA THR A 427 3.82 31.25 18.00
C THR A 427 2.98 30.04 18.38
N GLY A 428 3.45 29.22 19.31
CA GLY A 428 2.72 28.02 19.72
C GLY A 428 3.14 26.80 18.89
N ASN A 429 2.26 26.36 18.00
CA ASN A 429 2.62 25.36 17.00
C ASN A 429 1.95 25.64 15.66
N ARG A 430 1.71 26.92 15.35
CA ARG A 430 1.02 27.26 14.11
C ARG A 430 1.87 26.88 12.89
N TRP A 431 1.20 26.81 11.74
CA TRP A 431 1.91 26.54 10.50
C TRP A 431 2.79 27.71 10.11
N CYS A 432 4.01 27.41 9.69
CA CYS A 432 4.98 28.43 9.32
C CYS A 432 5.55 28.10 7.94
N SER A 433 6.41 28.99 7.44
CA SER A 433 7.12 28.77 6.19
C SER A 433 8.60 28.99 6.46
N TRP A 434 9.41 27.99 6.13
CA TRP A 434 10.84 28.02 6.42
C TRP A 434 11.60 28.45 5.17
N SER A 435 12.27 29.59 5.26
CA SER A 435 13.06 30.12 4.16
C SER A 435 14.08 31.08 4.73
N LEU A 436 15.17 31.27 3.99
CA LEU A 436 16.25 32.13 4.45
C LEU A 436 16.10 33.58 4.02
N SER A 437 15.14 33.89 3.15
CA SER A 437 14.89 35.26 2.73
C SER A 437 13.55 35.29 1.99
N GLN A 438 13.23 36.44 1.41
CA GLN A 438 12.03 36.58 0.61
C GLN A 438 12.27 36.33 -0.88
N ALA A 439 13.34 36.92 -1.43
CA ALA A 439 13.64 36.78 -2.84
C ALA A 439 15.14 36.57 -3.05
N ARG A 440 15.75 35.71 -2.23
CA ARG A 440 17.17 35.42 -2.36
C ARG A 440 17.40 33.92 -2.21
N LEU A 441 18.49 33.45 -2.82
CA LEU A 441 18.82 32.03 -2.80
C LEU A 441 19.57 31.66 -1.53
N LEU A 442 19.73 30.35 -1.32
CA LEU A 442 20.47 29.87 -0.15
C LEU A 442 21.93 30.28 -0.21
N THR A 443 22.53 30.28 -1.40
CA THR A 443 23.96 30.47 -1.54
C THR A 443 24.44 31.86 -1.15
N SER A 444 23.53 32.83 -0.99
CA SER A 444 23.95 34.18 -0.63
C SER A 444 24.40 34.28 0.82
N PHE A 445 24.08 33.30 1.66
CA PHE A 445 24.44 33.35 3.07
C PHE A 445 25.16 32.11 3.57
N LEU A 446 25.39 31.11 2.73
CA LEU A 446 25.97 29.86 3.16
C LEU A 446 27.18 29.52 2.29
N PRO A 447 28.13 28.76 2.82
CA PRO A 447 29.23 28.26 2.00
C PRO A 447 28.78 27.06 1.17
N ALA A 448 29.72 26.53 0.38
CA ALA A 448 29.39 25.46 -0.54
C ALA A 448 29.11 24.14 0.19
N GLN A 449 29.75 23.90 1.33
CA GLN A 449 29.61 22.63 2.01
C GLN A 449 28.36 22.56 2.89
N LEU A 450 27.68 23.68 3.13
CA LEU A 450 26.52 23.71 3.99
C LEU A 450 25.20 23.57 3.24
N LEU A 451 25.22 23.65 1.91
CA LEU A 451 23.98 23.59 1.14
C LEU A 451 23.30 22.23 1.29
N ARG A 452 24.07 21.14 1.22
CA ARG A 452 23.47 19.82 1.39
C ARG A 452 22.95 19.60 2.80
N LEU A 453 23.31 20.48 3.74
CA LEU A 453 22.87 20.35 5.13
C LEU A 453 21.59 21.13 5.37
N TYR A 454 21.53 22.38 4.89
CA TYR A 454 20.33 23.19 5.11
C TYR A 454 19.12 22.59 4.41
N GLN A 455 19.30 22.07 3.20
CA GLN A 455 18.18 21.52 2.45
C GLN A 455 17.54 20.35 3.19
N LEU A 456 18.34 19.59 3.94
CA LEU A 456 17.76 18.54 4.77
C LEU A 456 16.98 19.13 5.94
N MET A 457 17.45 20.27 6.47
CA MET A 457 16.78 20.88 7.60
C MET A 457 15.45 21.51 7.19
N LEU A 458 15.43 22.20 6.04
CA LEU A 458 14.22 22.91 5.63
C LEU A 458 13.07 21.96 5.34
N PHE A 459 13.36 20.82 4.72
CA PHE A 459 12.29 19.89 4.38
C PHE A 459 11.73 19.18 5.61
N THR A 460 12.59 18.84 6.57
CA THR A 460 12.18 18.04 7.72
C THR A 460 11.53 18.85 8.83
N LEU A 461 11.64 20.18 8.80
CA LEU A 461 11.04 20.99 9.84
C LEU A 461 9.54 21.13 9.60
N PRO A 462 8.75 21.35 10.65
CA PRO A 462 7.31 21.53 10.45
C PRO A 462 6.96 22.86 9.78
N GLY A 463 6.60 22.81 8.51
CA GLY A 463 6.28 24.01 7.77
C GLY A 463 6.29 23.72 6.28
N THR A 464 6.17 24.80 5.51
CA THR A 464 6.14 24.72 4.05
C THR A 464 7.40 25.38 3.50
N PRO A 465 8.43 24.61 3.14
CA PRO A 465 9.67 25.22 2.67
C PRO A 465 9.45 26.05 1.43
N VAL A 466 10.13 27.17 1.35
CA VAL A 466 10.04 28.08 0.22
C VAL A 466 11.42 28.25 -0.38
N PHE A 467 11.59 27.82 -1.63
CA PHE A 467 12.87 27.82 -2.32
C PHE A 467 12.82 28.73 -3.53
N SER A 468 13.93 29.40 -3.80
CA SER A 468 14.03 30.21 -5.02
C SER A 468 14.42 29.33 -6.20
N TYR A 469 14.29 29.89 -7.40
CA TYR A 469 14.64 29.14 -8.60
C TYR A 469 16.15 28.98 -8.68
N GLY A 470 16.58 27.82 -9.19
CA GLY A 470 18.00 27.54 -9.21
C GLY A 470 18.59 27.21 -7.86
N ASP A 471 17.77 26.71 -6.93
CA ASP A 471 18.27 26.34 -5.62
C ASP A 471 18.56 24.85 -5.52
N GLU A 472 17.83 24.03 -6.28
CA GLU A 472 18.02 22.56 -6.25
C GLU A 472 19.44 22.20 -6.72
N ILE A 473 20.06 23.05 -7.56
CA ILE A 473 21.40 22.79 -8.05
C ILE A 473 22.45 23.57 -7.28
N GLY A 474 22.04 24.32 -6.25
CA GLY A 474 22.98 25.17 -5.55
C GLY A 474 23.59 26.25 -6.41
N LEU A 475 22.82 26.79 -7.34
CA LEU A 475 23.33 27.79 -8.27
C LEU A 475 23.76 29.04 -7.51
N ASP A 476 24.90 29.59 -7.91
CA ASP A 476 25.45 30.79 -7.28
C ASP A 476 25.82 31.81 -8.33
N ALA A 477 25.64 33.08 -7.99
CA ALA A 477 25.99 34.18 -8.88
C ALA A 477 27.34 34.80 -8.55
N ALA A 478 27.74 34.78 -7.28
CA ALA A 478 29.04 35.32 -6.89
C ALA A 478 30.20 34.42 -7.29
N ALA A 479 29.93 33.14 -7.56
CA ALA A 479 30.96 32.19 -7.96
C ALA A 479 31.07 32.04 -9.46
N LEU A 480 30.32 32.84 -10.22
CA LEU A 480 30.36 32.78 -11.68
C LEU A 480 30.09 34.17 -12.24
N PRO A 481 31.08 34.81 -12.86
CA PRO A 481 30.92 36.20 -13.29
C PRO A 481 29.89 36.35 -14.39
N GLY A 482 29.35 37.57 -14.49
CA GLY A 482 28.36 37.90 -15.49
C GLY A 482 26.92 37.72 -15.05
N GLN A 483 26.68 37.16 -13.86
CA GLN A 483 25.33 36.93 -13.37
C GLN A 483 25.00 37.95 -12.29
N PRO A 484 24.01 38.83 -12.49
CA PRO A 484 23.59 39.72 -11.40
C PRO A 484 23.06 38.92 -10.23
N MET A 485 23.36 39.41 -9.02
CA MET A 485 22.96 38.67 -7.81
C MET A 485 21.45 38.63 -7.63
N GLU A 486 20.72 39.61 -8.15
CA GLU A 486 19.27 39.62 -8.00
C GLU A 486 18.62 38.52 -8.82
N ALA A 487 18.99 38.41 -10.09
CA ALA A 487 18.39 37.44 -11.01
C ALA A 487 19.47 36.71 -11.78
N PRO A 488 20.14 35.75 -11.14
CA PRO A 488 21.12 34.93 -11.85
C PRO A 488 20.46 34.09 -12.93
N VAL A 489 21.20 33.83 -14.00
CA VAL A 489 20.68 33.07 -15.12
C VAL A 489 20.75 31.58 -14.79
N MET A 490 19.62 30.90 -14.94
CA MET A 490 19.57 29.46 -14.67
C MET A 490 20.39 28.71 -15.71
N LEU A 491 21.17 27.73 -15.25
CA LEU A 491 22.03 26.95 -16.11
C LEU A 491 21.35 25.64 -16.45
N TRP A 492 20.85 25.53 -17.68
CA TRP A 492 20.14 24.35 -18.14
C TRP A 492 21.05 23.32 -18.81
N ASP A 493 22.19 23.75 -19.35
CA ASP A 493 23.09 22.85 -20.06
C ASP A 493 24.45 23.54 -20.15
N GLU A 494 25.37 22.87 -20.85
CA GLU A 494 26.70 23.44 -21.07
C GLU A 494 26.67 24.69 -21.94
N SER A 495 25.63 24.88 -22.74
CA SER A 495 25.50 26.04 -23.61
C SER A 495 24.55 27.09 -23.04
N SER A 496 24.13 26.94 -21.79
CA SER A 496 23.16 27.86 -21.20
C SER A 496 23.74 29.24 -20.93
N PHE A 497 25.06 29.41 -21.02
CA PHE A 497 25.72 30.71 -20.83
C PHE A 497 26.62 30.96 -22.03
N PRO A 498 26.04 31.42 -23.15
CA PRO A 498 26.86 31.67 -24.35
C PRO A 498 27.71 32.92 -24.28
N ASP A 499 27.51 33.78 -23.27
CA ASP A 499 28.30 35.00 -23.18
C ASP A 499 29.77 34.69 -22.93
N ILE A 500 30.06 33.74 -22.04
CA ILE A 500 31.43 33.34 -21.74
C ILE A 500 31.55 31.83 -21.94
N PRO A 501 31.80 31.36 -23.15
CA PRO A 501 31.94 29.91 -23.37
C PRO A 501 33.14 29.35 -22.60
N GLY A 502 32.98 28.12 -22.12
CA GLY A 502 34.02 27.47 -21.35
C GLY A 502 34.09 27.84 -19.89
N ALA A 503 33.24 28.75 -19.43
CA ALA A 503 33.21 29.15 -18.04
C ALA A 503 32.25 28.32 -17.19
N VAL A 504 31.54 27.38 -17.79
CA VAL A 504 30.59 26.54 -17.06
C VAL A 504 31.08 25.11 -17.11
N SER A 505 30.62 24.32 -16.15
CA SER A 505 31.01 22.92 -15.99
C SER A 505 29.78 22.03 -16.10
N ALA A 506 29.97 20.74 -15.83
CA ALA A 506 28.87 19.80 -15.83
C ALA A 506 28.23 19.63 -14.46
N ASN A 507 28.93 20.01 -13.40
CA ASN A 507 28.39 19.98 -12.05
C ASN A 507 27.45 21.14 -11.77
N MET A 508 27.52 22.22 -12.55
CA MET A 508 26.72 23.42 -12.32
C MET A 508 25.46 23.46 -13.16
N THR A 509 25.17 22.42 -13.93
CA THR A 509 23.98 22.38 -14.77
C THR A 509 23.07 21.25 -14.33
N VAL A 510 21.77 21.45 -14.56
CA VAL A 510 20.78 20.44 -14.20
C VAL A 510 20.97 19.18 -15.04
N LYS A 511 21.36 19.34 -16.31
CA LYS A 511 21.54 18.18 -17.18
C LYS A 511 22.62 17.26 -16.65
N GLY A 512 23.71 17.82 -16.14
CA GLY A 512 24.81 17.03 -15.61
C GLY A 512 24.61 16.48 -14.22
N GLN A 513 23.48 16.79 -13.59
CA GLN A 513 23.20 16.33 -12.23
C GLN A 513 22.00 15.41 -12.14
N SER A 514 21.26 15.23 -13.23
CA SER A 514 20.09 14.35 -13.20
C SER A 514 20.50 12.88 -13.19
N GLU A 515 21.65 12.54 -13.79
CA GLU A 515 22.13 11.17 -13.85
C GLU A 515 23.19 10.87 -12.79
N ASP A 516 23.45 11.81 -11.89
CA ASP A 516 24.45 11.61 -10.84
C ASP A 516 23.74 11.40 -9.50
N PRO A 517 23.80 10.21 -8.92
CA PRO A 517 23.13 9.98 -7.62
C PRO A 517 23.63 10.88 -6.51
N GLY A 518 24.91 11.25 -6.52
CA GLY A 518 25.47 12.07 -5.48
C GLY A 518 25.33 13.56 -5.66
N SER A 519 24.71 14.01 -6.75
CA SER A 519 24.61 15.43 -7.01
C SER A 519 23.63 16.10 -6.04
N LEU A 520 23.70 17.44 -5.99
CA LEU A 520 22.81 18.18 -5.12
C LEU A 520 21.35 18.04 -5.53
N LEU A 521 21.09 18.05 -6.84
CA LEU A 521 19.72 17.91 -7.31
C LEU A 521 19.13 16.56 -6.93
N SER A 522 19.96 15.51 -6.92
CA SER A 522 19.46 14.20 -6.51
C SER A 522 19.02 14.22 -5.05
N LEU A 523 19.75 14.93 -4.20
CA LEU A 523 19.33 15.08 -2.80
C LEU A 523 17.99 15.79 -2.71
N PHE A 524 17.78 16.81 -3.54
CA PHE A 524 16.50 17.52 -3.55
C PHE A 524 15.36 16.57 -3.93
N ARG A 525 15.57 15.77 -4.97
CA ARG A 525 14.47 14.95 -5.49
C ARG A 525 14.05 13.87 -4.51
N ARG A 526 15.00 13.25 -3.81
CA ARG A 526 14.64 12.22 -2.84
C ARG A 526 14.00 12.84 -1.60
N LEU A 527 14.51 13.99 -1.16
CA LEU A 527 13.92 14.66 0.00
C LEU A 527 12.53 15.15 -0.31
N SER A 528 12.34 15.78 -1.47
CA SER A 528 11.01 16.27 -1.84
C SER A 528 10.01 15.13 -1.95
N ASP A 529 10.49 13.95 -2.38
CA ASP A 529 9.61 12.79 -2.43
C ASP A 529 9.16 12.38 -1.03
N GLN A 530 10.09 12.37 -0.07
CA GLN A 530 9.76 11.93 1.28
C GLN A 530 8.84 12.93 1.99
N ARG A 531 9.06 14.23 1.76
CA ARG A 531 8.22 15.23 2.38
C ARG A 531 6.79 15.18 1.84
N SER A 532 6.64 14.83 0.57
CA SER A 532 5.34 14.90 -0.09
C SER A 532 4.45 13.71 0.17
N LYS A 533 4.96 12.63 0.78
CA LYS A 533 4.16 11.41 0.89
C LYS A 533 4.03 10.90 2.31
N GLU A 534 5.10 11.01 3.12
CA GLU A 534 5.09 10.39 4.44
C GLU A 534 4.24 11.20 5.40
N ARG A 535 3.48 10.50 6.25
CA ARG A 535 2.53 11.18 7.13
C ARG A 535 3.24 11.88 8.27
N SER A 536 4.40 11.36 8.67
CA SER A 536 5.17 11.98 9.79
C SER A 536 5.72 13.34 9.37
N LEU A 537 6.20 13.46 8.13
CA LEU A 537 6.76 14.74 7.67
C LEU A 537 5.66 15.73 7.34
N LEU A 538 4.47 15.24 6.95
CA LEU A 538 3.40 16.14 6.53
C LEU A 538 2.85 16.94 7.70
N HIS A 539 2.30 16.25 8.71
CA HIS A 539 1.67 16.92 9.83
C HIS A 539 2.05 16.30 11.16
N GLY A 540 3.24 15.72 11.24
CA GLY A 540 3.68 15.11 12.49
C GLY A 540 4.14 16.15 13.50
N ASP A 541 4.07 15.76 14.77
CA ASP A 541 4.55 16.62 15.83
C ASP A 541 6.08 16.69 15.81
N PHE A 542 6.61 17.86 16.09
CA PHE A 542 8.05 18.10 16.07
C PHE A 542 8.54 18.27 17.50
N HIS A 543 9.45 17.39 17.92
CA HIS A 543 10.01 17.43 19.26
C HIS A 543 11.53 17.42 19.16
N ALA A 544 12.16 18.42 19.76
CA ALA A 544 13.61 18.55 19.75
C ALA A 544 14.15 18.38 21.16
N PHE A 545 15.10 17.48 21.33
CA PHE A 545 15.70 17.19 22.62
C PHE A 545 17.10 17.77 22.68
N SER A 546 17.79 17.49 23.80
CA SER A 546 19.14 17.99 23.99
C SER A 546 20.09 17.38 22.97
N ALA A 547 20.94 18.23 22.41
CA ALA A 547 21.93 17.84 21.42
C ALA A 547 23.33 17.92 22.01
N GLY A 548 24.33 17.73 21.16
CA GLY A 548 25.71 17.83 21.58
C GLY A 548 26.18 19.27 21.64
N PRO A 549 27.49 19.48 21.66
CA PRO A 549 28.01 20.86 21.72
C PRO A 549 27.60 21.71 20.52
N GLY A 550 27.48 21.11 19.34
CA GLY A 550 27.06 21.85 18.17
C GLY A 550 26.12 21.06 17.29
N LEU A 551 25.42 20.10 17.87
CA LEU A 551 24.49 19.26 17.15
C LEU A 551 23.10 19.90 17.09
N PHE A 552 22.21 19.25 16.34
CA PHE A 552 20.81 19.68 16.25
C PHE A 552 19.99 18.50 15.78
N SER A 553 19.07 18.03 16.61
CA SER A 553 18.31 16.83 16.31
C SER A 553 16.86 17.00 16.74
N TYR A 554 15.98 16.27 16.08
CA TYR A 554 14.56 16.31 16.41
C TYR A 554 13.88 15.06 15.88
N ILE A 555 12.68 14.80 16.40
CA ILE A 555 11.88 13.63 16.05
C ILE A 555 10.58 14.12 15.42
N ARG A 556 10.21 13.54 14.29
CA ARG A 556 8.96 13.84 13.60
C ARG A 556 8.04 12.64 13.73
N HIS A 557 7.16 12.68 14.73
CA HIS A 557 6.25 11.58 15.00
C HIS A 557 4.81 12.03 14.83
N TRP A 558 3.95 11.08 14.45
CA TRP A 558 2.53 11.36 14.27
C TRP A 558 1.73 10.09 14.53
N ASP A 559 1.07 10.02 15.69
CA ASP A 559 0.12 8.95 16.02
C ASP A 559 0.86 7.61 15.91
N GLN A 560 0.33 6.64 15.18
CA GLN A 560 0.93 5.31 15.06
C GLN A 560 1.81 5.15 13.84
N ASN A 561 1.98 6.20 13.04
CA ASN A 561 2.74 6.08 11.81
C ASN A 561 4.23 6.05 12.09
N GLU A 562 5.01 5.83 11.02
CA GLU A 562 6.45 5.69 11.14
C GLU A 562 7.09 6.97 11.62
N ARG A 563 8.03 6.85 12.55
CA ARG A 563 8.74 8.00 13.11
C ARG A 563 9.99 8.31 12.30
N PHE A 564 10.44 9.56 12.41
CA PHE A 564 11.63 10.03 11.72
C PHE A 564 12.55 10.73 12.72
N LEU A 565 13.86 10.58 12.52
CA LEU A 565 14.85 11.25 13.34
C LEU A 565 15.92 11.84 12.45
N VAL A 566 16.24 13.10 12.66
CA VAL A 566 17.22 13.83 11.84
C VAL A 566 18.26 14.45 12.77
N VAL A 567 19.53 14.21 12.48
CA VAL A 567 20.64 14.78 13.23
C VAL A 567 21.51 15.59 12.29
N LEU A 568 21.76 16.85 12.64
CA LEU A 568 22.55 17.75 11.82
C LEU A 568 23.76 18.23 12.60
N ASN A 569 24.92 18.26 11.95
CA ASN A 569 26.17 18.69 12.55
C ASN A 569 26.67 19.92 11.80
N PHE A 570 26.31 21.11 12.29
CA PHE A 570 26.74 22.35 11.67
C PHE A 570 28.21 22.65 11.90
N GLY A 571 28.88 21.93 12.80
CA GLY A 571 30.28 22.18 13.07
C GLY A 571 31.19 21.53 12.05
N ASP A 572 32.49 21.82 12.20
CA ASP A 572 33.52 21.31 11.32
C ASP A 572 34.41 20.27 11.99
N VAL A 573 34.00 19.74 13.14
CA VAL A 573 34.77 18.77 13.90
C VAL A 573 33.89 17.55 14.14
N GLY A 574 34.44 16.36 13.90
CA GLY A 574 33.70 15.13 14.13
C GLY A 574 33.32 14.93 15.58
N LEU A 575 32.04 14.69 15.84
CA LEU A 575 31.51 14.51 17.18
C LEU A 575 30.77 13.18 17.28
N SER A 576 30.15 12.95 18.43
CA SER A 576 29.33 11.78 18.69
C SER A 576 27.88 12.21 18.90
N ALA A 577 26.99 11.22 18.85
CA ALA A 577 25.55 11.49 18.97
C ALA A 577 25.21 12.09 20.32
N GLY A 578 25.43 11.33 21.39
CA GLY A 578 25.10 11.80 22.73
C GLY A 578 23.61 12.06 22.92
N LEU A 579 22.77 11.18 22.41
CA LEU A 579 21.32 11.37 22.50
C LEU A 579 20.85 11.11 23.92
N GLN A 580 20.07 12.05 24.46
CA GLN A 580 19.59 11.99 25.84
C GLN A 580 18.10 11.69 25.84
N ALA A 581 17.70 10.72 26.67
CA ALA A 581 16.29 10.37 26.82
C ALA A 581 15.65 11.31 27.83
N SER A 582 14.43 10.97 28.25
CA SER A 582 13.66 11.78 29.20
C SER A 582 13.33 13.17 28.64
N ASP A 583 13.30 13.30 27.32
CA ASP A 583 12.87 14.53 26.68
C ASP A 583 11.84 14.26 25.58
N LEU A 584 11.26 13.07 25.53
CA LEU A 584 10.25 12.71 24.55
C LEU A 584 9.04 12.12 25.27
N PRO A 585 7.85 12.20 24.67
CA PRO A 585 6.69 11.53 25.24
C PRO A 585 6.86 10.02 25.23
N ALA A 586 6.04 9.35 26.04
CA ALA A 586 6.13 7.90 26.15
C ALA A 586 5.85 7.21 24.81
N SER A 587 5.01 7.81 23.97
CA SER A 587 4.68 7.23 22.68
C SER A 587 5.71 7.54 21.61
N ALA A 588 6.74 8.33 21.93
CA ALA A 588 7.76 8.70 20.96
C ALA A 588 9.16 8.42 21.50
N SER A 589 9.29 7.42 22.37
CA SER A 589 10.59 7.06 22.92
C SER A 589 11.49 6.49 21.83
N LEU A 590 12.75 6.91 21.85
CA LEU A 590 13.71 6.46 20.84
C LEU A 590 14.03 4.98 21.03
N PRO A 591 14.31 4.26 19.95
CA PRO A 591 14.68 2.85 20.04
C PRO A 591 16.19 2.68 20.15
N ALA A 592 16.59 1.46 20.51
CA ALA A 592 18.02 1.13 20.55
C ALA A 592 18.60 1.06 19.14
N LYS A 593 17.84 0.51 18.20
CA LYS A 593 18.27 0.35 16.82
C LYS A 593 17.29 1.03 15.89
N ALA A 594 17.81 1.73 14.88
CA ALA A 594 17.00 2.44 13.91
C ALA A 594 17.64 2.34 12.54
N ASP A 595 16.80 2.32 11.50
CA ASP A 595 17.30 2.23 10.14
C ASP A 595 17.98 3.54 9.73
N LEU A 596 18.48 3.56 8.51
CA LEU A 596 19.13 4.74 7.94
C LEU A 596 18.61 4.96 6.54
N LEU A 597 17.93 6.09 6.33
CA LEU A 597 17.35 6.39 5.02
C LEU A 597 18.39 6.97 4.08
N LEU A 598 18.96 8.12 4.44
CA LEU A 598 19.92 8.80 3.57
C LEU A 598 20.85 9.65 4.42
N SER A 599 22.02 9.93 3.85
CA SER A 599 23.02 10.79 4.46
C SER A 599 23.49 11.81 3.44
N THR A 600 23.86 12.99 3.94
CA THR A 600 24.25 14.08 3.04
C THR A 600 25.51 13.77 2.24
N GLN A 601 26.32 12.81 2.68
CA GLN A 601 27.56 12.51 1.99
C GLN A 601 27.64 11.02 1.66
N PRO A 602 28.31 10.67 0.58
CA PRO A 602 28.53 9.24 0.27
C PRO A 602 29.48 8.60 1.27
N GLY A 603 29.40 7.28 1.35
CA GLY A 603 30.18 6.51 2.29
C GLY A 603 29.41 5.86 3.41
N ARG A 604 28.08 5.92 3.38
CA ARG A 604 27.24 5.32 4.39
C ARG A 604 26.33 4.28 3.74
N GLU A 605 26.00 3.24 4.51
CA GLU A 605 25.18 2.14 4.01
C GLU A 605 23.71 2.44 4.28
N GLU A 606 22.97 2.74 3.21
CA GLU A 606 21.54 3.03 3.34
C GLU A 606 20.76 1.76 3.65
N GLY A 607 19.69 1.90 4.43
CA GLY A 607 18.87 0.79 4.81
C GLY A 607 19.46 -0.10 5.87
N SER A 608 20.60 0.24 6.43
CA SER A 608 21.25 -0.57 7.45
C SER A 608 20.84 -0.07 8.83
N PRO A 609 20.21 -0.89 9.67
CA PRO A 609 19.92 -0.47 11.05
C PRO A 609 21.21 -0.07 11.76
N LEU A 610 21.14 1.04 12.48
CA LEU A 610 22.30 1.66 13.10
C LEU A 610 22.01 1.96 14.55
N GLU A 611 22.99 1.71 15.43
CA GLU A 611 22.81 1.98 16.84
C GLU A 611 22.67 3.48 17.09
N LEU A 612 21.91 3.81 18.13
CA LEU A 612 21.61 5.20 18.45
C LEU A 612 22.35 5.70 19.69
N GLU A 613 23.32 4.94 20.20
CA GLU A 613 24.10 5.37 21.34
C GLU A 613 25.59 5.52 21.06
N ARG A 614 26.12 4.84 20.03
CA ARG A 614 27.51 4.96 19.65
C ARG A 614 27.67 5.67 18.31
N LEU A 615 26.63 6.36 17.85
CA LEU A 615 26.69 7.04 16.56
C LEU A 615 27.62 8.24 16.63
N LYS A 616 28.38 8.45 15.56
CA LYS A 616 29.33 9.56 15.46
C LYS A 616 29.04 10.35 14.20
N LEU A 617 29.27 11.66 14.29
CA LEU A 617 28.94 12.58 13.20
C LEU A 617 30.22 13.02 12.48
N GLU A 618 30.24 12.81 11.16
CA GLU A 618 31.26 13.42 10.34
C GLU A 618 30.99 14.92 10.25
N PRO A 619 32.04 15.75 10.17
CA PRO A 619 31.82 17.19 10.05
C PRO A 619 30.96 17.54 8.85
N HIS A 620 30.02 18.45 9.06
CA HIS A 620 29.08 18.90 8.02
C HIS A 620 28.31 17.74 7.42
N GLU A 621 27.66 16.97 8.28
CA GLU A 621 26.89 15.80 7.85
C GLU A 621 25.52 15.81 8.52
N GLY A 622 24.50 15.48 7.73
CA GLY A 622 23.16 15.31 8.26
C GLY A 622 22.59 13.95 7.95
N LEU A 623 22.05 13.27 8.95
CA LEU A 623 21.55 11.91 8.80
C LEU A 623 20.04 11.90 8.99
N LEU A 624 19.35 11.18 8.11
CA LEU A 624 17.91 10.96 8.23
C LEU A 624 17.70 9.49 8.56
N LEU A 625 17.02 9.22 9.67
CA LEU A 625 16.78 7.86 10.14
C LEU A 625 15.30 7.65 10.38
N ARG A 626 14.86 6.41 10.21
CA ARG A 626 13.46 6.04 10.36
C ARG A 626 13.34 4.85 11.29
N PHE A 627 12.35 4.90 12.19
CA PHE A 627 12.04 3.78 13.05
C PHE A 627 10.53 3.75 13.26
N PRO A 628 9.88 2.59 13.09
CA PRO A 628 8.42 2.53 13.29
C PRO A 628 8.03 2.61 14.75
N TYR A 629 6.75 2.41 15.03
CA TYR A 629 6.25 2.50 16.39
C TYR A 629 6.95 1.50 17.29
N ALA A 630 7.28 1.95 18.51
CA ALA A 630 7.95 1.09 19.48
C ALA A 630 7.00 0.72 20.62
N LEU B 42 -25.50 -27.66 -19.79
CA LEU B 42 -24.26 -26.95 -20.10
C LEU B 42 -24.17 -25.64 -19.32
N LEU B 43 -25.25 -24.85 -19.36
CA LEU B 43 -25.25 -23.59 -18.63
C LEU B 43 -25.22 -23.82 -17.13
N SER B 44 -25.93 -24.85 -16.64
CA SER B 44 -25.89 -25.17 -15.21
C SER B 44 -24.47 -25.57 -14.79
N ALA B 45 -23.80 -26.38 -15.61
CA ALA B 45 -22.41 -26.72 -15.31
C ALA B 45 -21.53 -25.49 -15.34
N CYS B 46 -21.79 -24.58 -16.29
CA CYS B 46 -21.04 -23.33 -16.35
C CYS B 46 -21.18 -22.55 -15.05
N THR B 47 -22.41 -22.43 -14.55
CA THR B 47 -22.64 -21.76 -13.28
C THR B 47 -21.91 -22.48 -12.14
N ILE B 48 -21.87 -23.81 -12.19
CA ILE B 48 -21.14 -24.56 -11.16
C ILE B 48 -19.65 -24.19 -11.19
N ILE B 49 -19.05 -24.15 -12.38
CA ILE B 49 -17.64 -23.81 -12.48
C ILE B 49 -17.39 -22.39 -11.99
N ILE B 50 -18.24 -21.45 -12.39
CA ILE B 50 -18.07 -20.06 -11.96
C ILE B 50 -18.19 -19.96 -10.44
N GLY B 51 -19.20 -20.60 -9.86
CA GLY B 51 -19.37 -20.54 -8.42
C GLY B 51 -18.23 -21.16 -7.65
N ASN B 52 -17.72 -22.29 -8.13
CA ASN B 52 -16.57 -22.91 -7.47
C ASN B 52 -15.33 -22.04 -7.59
N ILE B 53 -15.07 -21.48 -8.77
CA ILE B 53 -13.87 -20.68 -8.96
C ILE B 53 -13.95 -19.38 -8.18
N ILE B 54 -15.09 -18.68 -8.27
CA ILE B 54 -15.22 -17.37 -7.64
C ILE B 54 -15.24 -17.53 -6.13
N GLY B 55 -14.69 -16.55 -5.43
CA GLY B 55 -14.63 -16.64 -3.99
C GLY B 55 -13.97 -15.42 -3.41
N SER B 56 -13.79 -15.45 -2.09
CA SER B 56 -13.20 -14.32 -1.36
C SER B 56 -11.69 -14.29 -1.55
N GLY B 57 -11.27 -14.16 -2.81
CA GLY B 57 -9.88 -14.01 -3.15
C GLY B 57 -9.61 -12.64 -3.74
N ILE B 58 -10.63 -12.09 -4.40
CA ILE B 58 -10.55 -10.73 -4.94
C ILE B 58 -10.55 -9.69 -3.84
N PHE B 59 -10.86 -10.06 -2.60
CA PHE B 59 -10.82 -9.17 -1.47
C PHE B 59 -9.49 -9.22 -0.71
N ILE B 60 -8.58 -10.10 -1.12
CA ILE B 60 -7.29 -10.23 -0.46
C ILE B 60 -6.18 -9.95 -1.45
N SER B 61 -6.44 -10.25 -2.73
CA SER B 61 -5.38 -10.20 -3.73
C SER B 61 -4.88 -8.79 -4.04
N PRO B 62 -5.74 -7.78 -4.25
CA PRO B 62 -5.24 -6.53 -4.87
C PRO B 62 -4.07 -5.89 -4.17
N LYS B 63 -4.06 -5.87 -2.83
CA LYS B 63 -2.94 -5.25 -2.13
C LYS B 63 -1.64 -6.01 -2.39
N GLY B 64 -1.69 -7.34 -2.31
CA GLY B 64 -0.48 -8.12 -2.56
C GLY B 64 0.00 -8.02 -3.99
N VAL B 65 -0.93 -8.00 -4.95
CA VAL B 65 -0.55 -7.86 -6.35
C VAL B 65 0.08 -6.49 -6.59
N LEU B 66 -0.52 -5.43 -6.05
CA LEU B 66 0.00 -4.08 -6.24
C LEU B 66 1.38 -3.92 -5.61
N GLU B 67 1.56 -4.45 -4.40
CA GLU B 67 2.82 -4.24 -3.69
C GLU B 67 4.02 -4.82 -4.42
N HIS B 68 3.82 -5.84 -5.25
CA HIS B 68 4.91 -6.43 -6.03
C HIS B 68 4.97 -5.92 -7.46
N SER B 69 3.83 -5.68 -8.11
CA SER B 69 3.84 -5.26 -9.50
C SER B 69 4.54 -3.91 -9.68
N GLY B 70 4.25 -2.96 -8.80
CA GLY B 70 4.83 -1.64 -8.89
C GLY B 70 4.10 -0.69 -9.80
N SER B 71 3.07 -1.14 -10.51
CA SER B 71 2.31 -0.27 -11.40
C SER B 71 0.94 -0.89 -11.64
N VAL B 72 0.01 -0.06 -12.10
CA VAL B 72 -1.35 -0.53 -12.36
C VAL B 72 -1.37 -1.48 -13.56
N GLY B 73 -0.70 -1.07 -14.65
CA GLY B 73 -0.74 -1.88 -15.86
C GLY B 73 -0.12 -3.25 -15.67
N LEU B 74 1.00 -3.30 -14.95
CA LEU B 74 1.62 -4.59 -14.66
C LEU B 74 0.71 -5.47 -13.82
N ALA B 75 0.00 -4.87 -12.85
CA ALA B 75 -0.95 -5.63 -12.05
C ALA B 75 -2.07 -6.20 -12.91
N LEU B 76 -2.62 -5.40 -13.82
CA LEU B 76 -3.68 -5.90 -14.69
C LEU B 76 -3.17 -7.00 -15.61
N PHE B 77 -1.95 -6.84 -16.13
CA PHE B 77 -1.36 -7.89 -16.95
C PHE B 77 -1.16 -9.17 -16.16
N VAL B 78 -0.74 -9.06 -14.90
CA VAL B 78 -0.61 -10.23 -14.04
C VAL B 78 -1.97 -10.90 -13.86
N TRP B 79 -3.01 -10.10 -13.65
CA TRP B 79 -4.36 -10.65 -13.48
C TRP B 79 -4.78 -11.43 -14.72
N VAL B 80 -4.62 -10.85 -15.90
CA VAL B 80 -5.08 -11.52 -17.12
C VAL B 80 -4.22 -12.74 -17.42
N LEU B 81 -2.92 -12.67 -17.13
CA LEU B 81 -2.05 -13.83 -17.33
C LEU B 81 -2.45 -14.98 -16.43
N GLY B 82 -2.76 -14.69 -15.16
CA GLY B 82 -3.26 -15.72 -14.27
C GLY B 82 -4.58 -16.30 -14.75
N GLY B 83 -5.47 -15.43 -15.24
CA GLY B 83 -6.75 -15.91 -15.74
C GLY B 83 -6.61 -16.80 -16.96
N GLY B 84 -5.57 -16.59 -17.76
CA GLY B 84 -5.32 -17.48 -18.88
C GLY B 84 -4.66 -18.78 -18.50
N VAL B 85 -3.71 -18.69 -17.56
CA VAL B 85 -2.98 -19.88 -17.14
C VAL B 85 -3.90 -20.83 -16.38
N THR B 86 -4.82 -20.29 -15.57
CA THR B 86 -5.77 -21.17 -14.90
C THR B 86 -6.69 -21.85 -15.91
N ALA B 87 -7.05 -21.15 -17.00
CA ALA B 87 -7.84 -21.79 -18.06
C ALA B 87 -7.07 -22.94 -18.69
N LEU B 88 -5.78 -22.72 -18.98
CA LEU B 88 -4.96 -23.78 -19.56
C LEU B 88 -4.87 -24.99 -18.64
N GLY B 89 -4.61 -24.73 -17.35
CA GLY B 89 -4.52 -25.83 -16.40
C GLY B 89 -5.84 -26.55 -16.23
N SER B 90 -6.94 -25.82 -16.23
CA SER B 90 -8.26 -26.42 -16.11
C SER B 90 -8.57 -27.30 -17.33
N LEU B 91 -8.20 -26.83 -18.52
CA LEU B 91 -8.42 -27.64 -19.72
C LEU B 91 -7.62 -28.94 -19.65
N CYS B 92 -6.36 -28.86 -19.22
CA CYS B 92 -5.55 -30.07 -19.14
C CYS B 92 -6.10 -31.03 -18.06
N TYR B 93 -6.54 -30.47 -16.93
CA TYR B 93 -7.15 -31.28 -15.88
C TYR B 93 -8.44 -31.94 -16.37
N ALA B 94 -9.22 -31.21 -17.18
CA ALA B 94 -10.43 -31.79 -17.74
C ALA B 94 -10.11 -32.95 -18.67
N GLU B 95 -9.06 -32.80 -19.47
CA GLU B 95 -8.61 -33.92 -20.30
C GLU B 95 -8.23 -35.12 -19.44
N LEU B 96 -7.48 -34.88 -18.36
CA LEU B 96 -7.11 -35.98 -17.47
C LEU B 96 -8.35 -36.63 -16.87
N GLY B 97 -9.31 -35.83 -16.42
CA GLY B 97 -10.49 -36.37 -15.77
C GLY B 97 -11.36 -37.18 -16.72
N VAL B 98 -11.51 -36.70 -17.97
CA VAL B 98 -12.27 -37.47 -18.95
C VAL B 98 -11.51 -38.70 -19.40
N ALA B 99 -10.17 -38.70 -19.24
CA ALA B 99 -9.41 -39.91 -19.56
C ALA B 99 -9.71 -41.03 -18.57
N ILE B 100 -9.72 -40.72 -17.28
CA ILE B 100 -9.96 -41.69 -16.23
C ILE B 100 -11.26 -41.33 -15.53
N PRO B 101 -12.35 -42.07 -15.78
CA PRO B 101 -13.64 -41.75 -15.14
C PRO B 101 -13.62 -41.85 -13.61
N LYS B 102 -12.54 -42.34 -13.01
CA LYS B 102 -12.46 -42.42 -11.56
C LYS B 102 -12.51 -41.04 -10.94
N SER B 103 -13.21 -40.93 -9.81
CA SER B 103 -13.35 -39.67 -9.09
C SER B 103 -12.44 -39.64 -7.88
N GLY B 104 -12.17 -38.43 -7.40
CA GLY B 104 -11.29 -38.24 -6.28
C GLY B 104 -10.33 -37.08 -6.47
N GLY B 105 -10.30 -36.53 -7.68
CA GLY B 105 -9.44 -35.39 -7.95
C GLY B 105 -7.99 -35.80 -8.09
N ASP B 106 -7.10 -34.87 -7.70
CA ASP B 106 -5.67 -35.12 -7.81
C ASP B 106 -5.28 -36.38 -7.05
N TYR B 107 -5.91 -36.62 -5.90
CA TYR B 107 -5.60 -37.81 -5.11
C TYR B 107 -5.80 -39.08 -5.94
N ALA B 108 -6.98 -39.24 -6.54
CA ALA B 108 -7.27 -40.44 -7.31
C ALA B 108 -6.41 -40.51 -8.57
N TYR B 109 -6.26 -39.39 -9.27
CA TYR B 109 -5.48 -39.41 -10.52
C TYR B 109 -4.03 -39.78 -10.26
N VAL B 110 -3.43 -39.21 -9.21
CA VAL B 110 -2.04 -39.49 -8.89
C VAL B 110 -1.88 -40.91 -8.39
N THR B 111 -2.83 -41.39 -7.57
CA THR B 111 -2.78 -42.79 -7.14
C THR B 111 -2.86 -43.73 -8.34
N GLU B 112 -3.62 -43.34 -9.36
CA GLU B 112 -3.72 -44.18 -10.56
C GLU B 112 -2.41 -44.18 -11.34
N ILE B 113 -1.83 -43.01 -11.59
CA ILE B 113 -0.69 -42.93 -12.50
C ILE B 113 0.60 -43.33 -11.79
N PHE B 114 0.92 -42.66 -10.68
CA PHE B 114 2.19 -42.92 -9.99
C PHE B 114 2.11 -44.14 -9.09
N GLY B 115 1.24 -44.10 -8.10
CA GLY B 115 1.10 -45.20 -7.17
C GLY B 115 0.66 -44.69 -5.81
N GLY B 116 0.84 -45.56 -4.81
CA GLY B 116 0.40 -45.22 -3.46
C GLY B 116 1.19 -44.10 -2.82
N LEU B 117 2.51 -44.09 -3.06
CA LEU B 117 3.37 -43.14 -2.35
C LEU B 117 3.03 -41.70 -2.74
N ALA B 118 2.93 -41.42 -4.03
CA ALA B 118 2.64 -40.06 -4.48
C ALA B 118 1.22 -39.66 -4.13
N GLY B 119 0.28 -40.60 -4.22
CA GLY B 119 -1.09 -40.31 -3.83
C GLY B 119 -1.20 -39.92 -2.37
N PHE B 120 -0.53 -40.69 -1.49
CA PHE B 120 -0.56 -40.35 -0.08
C PHE B 120 0.20 -39.06 0.21
N LEU B 121 1.27 -38.78 -0.53
CA LEU B 121 1.95 -37.50 -0.35
C LEU B 121 1.03 -36.34 -0.71
N LEU B 122 0.29 -36.46 -1.80
CA LEU B 122 -0.66 -35.42 -2.18
C LEU B 122 -1.76 -35.28 -1.15
N LEU B 123 -2.27 -36.40 -0.63
CA LEU B 123 -3.31 -36.34 0.39
C LEU B 123 -2.77 -35.70 1.67
N TRP B 124 -1.51 -35.98 2.01
CA TRP B 124 -0.87 -35.36 3.16
C TRP B 124 -0.78 -33.85 2.97
N SER B 125 -0.37 -33.42 1.78
CA SER B 125 -0.31 -31.99 1.50
C SER B 125 -1.70 -31.35 1.56
N ALA B 126 -2.72 -32.08 1.13
CA ALA B 126 -4.08 -31.56 1.18
C ALA B 126 -4.55 -31.39 2.61
N VAL B 127 -4.39 -32.42 3.44
CA VAL B 127 -4.90 -32.35 4.81
C VAL B 127 -4.09 -31.39 5.65
N LEU B 128 -2.80 -31.21 5.35
CA LEU B 128 -1.93 -30.40 6.19
C LEU B 128 -1.80 -28.96 5.76
N ILE B 129 -1.76 -28.67 4.46
CA ILE B 129 -1.38 -27.32 4.04
C ILE B 129 -2.54 -26.53 3.47
N MET B 130 -3.06 -26.94 2.31
CA MET B 130 -3.94 -26.04 1.57
C MET B 130 -5.27 -25.81 2.28
N TYR B 131 -5.90 -26.87 2.78
CA TYR B 131 -7.15 -26.66 3.51
C TYR B 131 -6.95 -25.84 4.79
N PRO B 132 -6.02 -26.18 5.68
CA PRO B 132 -5.89 -25.37 6.91
C PRO B 132 -5.42 -23.96 6.67
N THR B 133 -4.41 -23.76 5.82
CA THR B 133 -3.94 -22.42 5.53
C THR B 133 -5.03 -21.60 4.84
N SER B 134 -5.78 -22.22 3.93
CA SER B 134 -6.85 -21.49 3.26
C SER B 134 -7.92 -21.05 4.24
N LEU B 135 -8.32 -21.95 5.16
CA LEU B 135 -9.32 -21.57 6.15
C LEU B 135 -8.80 -20.45 7.05
N ALA B 136 -7.53 -20.54 7.47
CA ALA B 136 -6.96 -19.51 8.33
C ALA B 136 -6.92 -18.17 7.61
N VAL B 137 -6.54 -18.17 6.32
CA VAL B 137 -6.47 -16.93 5.56
C VAL B 137 -7.85 -16.31 5.43
N ILE B 138 -8.87 -17.12 5.11
CA ILE B 138 -10.21 -16.57 4.94
C ILE B 138 -10.73 -16.00 6.26
N SER B 139 -10.51 -16.71 7.36
CA SER B 139 -10.95 -16.19 8.66
C SER B 139 -10.23 -14.90 9.01
N MET B 140 -8.92 -14.82 8.73
CA MET B 140 -8.18 -13.62 9.06
C MET B 140 -8.67 -12.43 8.26
N THR B 141 -8.97 -12.62 6.97
CA THR B 141 -9.49 -11.50 6.19
C THR B 141 -10.90 -11.13 6.63
N PHE B 142 -11.68 -12.10 7.09
CA PHE B 142 -12.98 -11.75 7.66
C PHE B 142 -12.82 -10.83 8.86
N SER B 143 -11.90 -11.20 9.77
CA SER B 143 -11.68 -10.36 10.95
C SER B 143 -11.15 -8.99 10.57
N ASN B 144 -10.22 -8.93 9.61
CA ASN B 144 -9.68 -7.65 9.17
C ASN B 144 -10.79 -6.78 8.60
N TYR B 145 -11.67 -7.37 7.79
CA TYR B 145 -12.71 -6.59 7.14
C TYR B 145 -13.75 -6.11 8.14
N VAL B 146 -14.01 -6.90 9.18
CA VAL B 146 -14.94 -6.47 10.21
C VAL B 146 -14.35 -5.33 11.03
N LEU B 147 -13.09 -5.45 11.43
CA LEU B 147 -12.49 -4.48 12.35
C LEU B 147 -11.96 -3.23 11.67
N GLN B 148 -11.79 -3.23 10.35
CA GLN B 148 -11.23 -2.05 9.69
C GLN B 148 -12.10 -0.80 9.84
N PRO B 149 -13.43 -0.84 9.67
CA PRO B 149 -14.20 0.38 9.91
C PRO B 149 -14.05 0.94 11.31
N VAL B 150 -13.91 0.09 12.32
CA VAL B 150 -13.75 0.56 13.69
C VAL B 150 -12.45 1.32 13.85
N PHE B 151 -11.35 0.79 13.30
CA PHE B 151 -10.06 1.47 13.31
C PHE B 151 -9.65 1.77 11.88
N PRO B 152 -9.90 2.98 11.38
CA PRO B 152 -9.69 3.24 9.95
C PRO B 152 -8.23 3.47 9.58
N ASN B 153 -7.45 4.05 10.49
CA ASN B 153 -6.08 4.43 10.19
C ASN B 153 -5.04 3.61 10.94
N CYS B 154 -5.26 3.36 12.22
CA CYS B 154 -4.36 2.54 13.02
C CYS B 154 -4.77 1.08 12.93
N ILE B 155 -3.79 0.19 12.84
CA ILE B 155 -4.04 -1.24 12.68
C ILE B 155 -4.74 -1.77 13.94
N PRO B 156 -5.71 -2.66 13.81
CA PRO B 156 -6.39 -3.21 14.97
C PRO B 156 -5.45 -4.10 15.78
N PRO B 157 -5.72 -4.28 17.07
CA PRO B 157 -4.87 -5.18 17.87
C PRO B 157 -4.92 -6.60 17.33
N THR B 158 -3.76 -7.27 17.39
CA THR B 158 -3.67 -8.63 16.89
C THR B 158 -4.53 -9.59 17.69
N THR B 159 -4.58 -9.41 19.01
CA THR B 159 -5.32 -10.33 19.86
C THR B 159 -6.80 -10.34 19.50
N ALA B 160 -7.39 -9.16 19.33
CA ALA B 160 -8.82 -9.09 19.01
C ALA B 160 -9.11 -9.72 17.65
N SER B 161 -8.27 -9.44 16.65
CA SER B 161 -8.50 -9.99 15.32
C SER B 161 -8.40 -11.51 15.33
N ARG B 162 -7.37 -12.05 15.99
CA ARG B 162 -7.20 -13.49 16.05
C ARG B 162 -8.35 -14.16 16.80
N VAL B 163 -8.78 -13.55 17.91
CA VAL B 163 -9.89 -14.09 18.67
C VAL B 163 -11.17 -14.09 17.85
N LEU B 164 -11.43 -12.99 17.12
CA LEU B 164 -12.63 -12.93 16.29
C LEU B 164 -12.60 -13.98 15.20
N SER B 165 -11.44 -14.15 14.55
CA SER B 165 -11.31 -15.17 13.52
C SER B 165 -11.57 -16.57 14.08
N MET B 166 -11.01 -16.87 15.25
CA MET B 166 -11.20 -18.18 15.84
C MET B 166 -12.66 -18.40 16.22
N ALA B 167 -13.32 -17.36 16.73
CA ALA B 167 -14.73 -17.48 17.07
C ALA B 167 -15.58 -17.77 15.84
N CYS B 168 -15.31 -17.06 14.73
CA CYS B 168 -16.02 -17.34 13.49
C CYS B 168 -15.79 -18.77 13.02
N LEU B 169 -14.55 -19.24 13.15
CA LEU B 169 -14.23 -20.61 12.73
C LEU B 169 -14.98 -21.64 13.56
N MET B 170 -15.01 -21.44 14.89
CA MET B 170 -15.73 -22.38 15.73
C MET B 170 -17.22 -22.37 15.42
N LEU B 171 -17.79 -21.19 15.17
CA LEU B 171 -19.19 -21.12 14.78
C LEU B 171 -19.44 -21.90 13.49
N LEU B 172 -18.56 -21.74 12.51
CA LEU B 172 -18.74 -22.45 11.24
C LEU B 172 -18.62 -23.96 11.42
N THR B 173 -17.64 -24.40 12.23
CA THR B 173 -17.48 -25.82 12.46
C THR B 173 -18.72 -26.41 13.14
N TRP B 174 -19.26 -25.72 14.14
CA TRP B 174 -20.48 -26.19 14.78
C TRP B 174 -21.65 -26.23 13.80
N VAL B 175 -21.77 -25.19 12.96
CA VAL B 175 -22.87 -25.14 12.01
C VAL B 175 -22.79 -26.31 11.03
N ASN B 176 -21.59 -26.59 10.53
CA ASN B 176 -21.43 -27.72 9.61
C ASN B 176 -21.67 -29.05 10.31
N SER B 177 -21.32 -29.16 11.59
CA SER B 177 -21.57 -30.40 12.32
C SER B 177 -23.05 -30.57 12.65
N SER B 178 -23.80 -29.48 12.70
CA SER B 178 -25.20 -29.56 13.12
C SER B 178 -26.04 -30.32 12.10
N SER B 179 -25.96 -29.94 10.84
CA SER B 179 -26.81 -30.52 9.81
C SER B 179 -26.18 -30.28 8.45
N VAL B 180 -26.89 -30.68 7.39
CA VAL B 180 -26.41 -30.55 6.03
C VAL B 180 -27.34 -29.67 5.18
N ARG B 181 -28.66 -29.86 5.30
CA ARG B 181 -29.59 -29.03 4.55
C ARG B 181 -29.50 -27.58 4.98
N TRP B 182 -29.42 -27.34 6.29
CA TRP B 182 -29.18 -25.99 6.79
C TRP B 182 -27.87 -25.45 6.22
N ALA B 183 -26.83 -26.27 6.23
CA ALA B 183 -25.52 -25.81 5.77
C ALA B 183 -25.56 -25.38 4.31
N THR B 184 -26.22 -26.17 3.45
CA THR B 184 -26.26 -25.80 2.03
C THR B 184 -27.18 -24.60 1.79
N ARG B 185 -28.24 -24.45 2.59
CA ARG B 185 -29.07 -23.25 2.44
C ARG B 185 -28.29 -21.99 2.79
N ILE B 186 -27.57 -22.02 3.92
CA ILE B 186 -26.74 -20.86 4.28
C ILE B 186 -25.62 -20.66 3.28
N GLN B 187 -25.08 -21.74 2.71
CA GLN B 187 -24.07 -21.59 1.67
C GLN B 187 -24.62 -20.89 0.43
N ASP B 188 -25.85 -21.26 0.03
CA ASP B 188 -26.47 -20.60 -1.11
C ASP B 188 -26.70 -19.12 -0.83
N MET B 189 -27.14 -18.78 0.38
CA MET B 189 -27.35 -17.35 0.65
C MET B 189 -26.01 -16.62 0.78
N PHE B 190 -24.97 -17.31 1.24
CA PHE B 190 -23.63 -16.74 1.22
C PHE B 190 -23.19 -16.40 -0.20
N THR B 191 -23.44 -17.34 -1.14
CA THR B 191 -23.12 -17.08 -2.54
C THR B 191 -23.91 -15.91 -3.07
N GLY B 192 -25.19 -15.83 -2.70
CA GLY B 192 -25.99 -14.67 -3.09
C GLY B 192 -25.40 -13.37 -2.58
N GLY B 193 -24.94 -13.37 -1.33
CA GLY B 193 -24.32 -12.18 -0.78
C GLY B 193 -23.04 -11.80 -1.50
N LYS B 194 -22.19 -12.78 -1.81
CA LYS B 194 -20.94 -12.48 -2.50
C LYS B 194 -21.20 -11.96 -3.91
N LEU B 195 -22.17 -12.53 -4.63
CA LEU B 195 -22.49 -12.03 -5.96
C LEU B 195 -23.11 -10.65 -5.89
N LEU B 196 -23.91 -10.37 -4.86
CA LEU B 196 -24.45 -9.03 -4.67
C LEU B 196 -23.32 -8.03 -4.44
N ALA B 197 -22.36 -8.38 -3.60
CA ALA B 197 -21.23 -7.48 -3.35
C ALA B 197 -20.45 -7.19 -4.62
N LEU B 198 -20.16 -8.25 -5.39
CA LEU B 198 -19.42 -8.05 -6.63
C LEU B 198 -20.21 -7.22 -7.63
N SER B 199 -21.52 -7.46 -7.73
CA SER B 199 -22.35 -6.69 -8.66
C SER B 199 -22.40 -5.22 -8.27
N LEU B 200 -22.51 -4.93 -6.96
CA LEU B 200 -22.50 -3.55 -6.51
C LEU B 200 -21.15 -2.89 -6.80
N ILE B 201 -20.05 -3.62 -6.58
CA ILE B 201 -18.74 -3.05 -6.88
C ILE B 201 -18.63 -2.72 -8.36
N ILE B 202 -19.06 -3.63 -9.22
CA ILE B 202 -18.98 -3.41 -10.67
C ILE B 202 -19.86 -2.24 -11.08
N GLY B 203 -21.06 -2.15 -10.51
CA GLY B 203 -21.95 -1.06 -10.85
C GLY B 203 -21.40 0.29 -10.43
N VAL B 204 -20.83 0.37 -9.23
CA VAL B 204 -20.24 1.62 -8.77
C VAL B 204 -19.05 2.00 -9.64
N GLY B 205 -18.23 1.02 -10.02
CA GLY B 205 -17.12 1.29 -10.91
C GLY B 205 -17.58 1.82 -12.26
N LEU B 206 -18.63 1.22 -12.81
CA LEU B 206 -19.18 1.69 -14.08
C LEU B 206 -19.73 3.10 -13.96
N LEU B 207 -20.42 3.40 -12.87
CA LEU B 207 -20.95 4.73 -12.66
C LEU B 207 -19.83 5.76 -12.56
N GLN B 208 -18.76 5.42 -11.83
CA GLN B 208 -17.64 6.36 -11.67
C GLN B 208 -16.90 6.56 -12.98
N ILE B 209 -16.70 5.48 -13.75
CA ILE B 209 -15.99 5.63 -15.03
C ILE B 209 -16.86 6.38 -16.04
N PHE B 210 -18.19 6.29 -15.92
CA PHE B 210 -19.07 7.02 -16.82
C PHE B 210 -18.96 8.53 -16.58
N GLN B 211 -18.91 8.94 -15.31
CA GLN B 211 -18.87 10.36 -14.99
C GLN B 211 -17.53 11.00 -15.33
N GLY B 212 -16.49 10.20 -15.55
CA GLY B 212 -15.22 10.75 -16.00
C GLY B 212 -14.11 10.81 -14.96
N HIS B 213 -13.95 9.75 -14.18
CA HIS B 213 -12.82 9.62 -13.25
C HIS B 213 -11.96 8.45 -13.72
N PHE B 214 -10.99 8.75 -14.57
CA PHE B 214 -10.06 7.76 -15.09
C PHE B 214 -8.64 8.31 -15.07
N GLU B 215 -8.32 9.12 -14.07
CA GLU B 215 -7.01 9.78 -14.02
C GLU B 215 -5.90 8.76 -13.89
N GLU B 216 -6.07 7.75 -13.04
CA GLU B 216 -5.03 6.76 -12.84
C GLU B 216 -4.91 5.81 -14.03
N LEU B 217 -6.00 5.59 -14.75
CA LEU B 217 -6.00 4.63 -15.84
C LEU B 217 -5.29 5.12 -17.10
N ARG B 218 -4.98 6.41 -17.18
CA ARG B 218 -4.26 6.93 -18.33
C ARG B 218 -2.85 6.36 -18.37
N PRO B 219 -2.32 6.10 -19.57
CA PRO B 219 -0.98 5.48 -19.66
C PRO B 219 0.11 6.31 -19.01
N SER B 220 -0.07 7.64 -18.92
CA SER B 220 0.89 8.47 -18.20
C SER B 220 0.96 8.09 -16.73
N ASN B 221 -0.19 7.79 -16.13
CA ASN B 221 -0.26 7.43 -14.71
C ASN B 221 -0.41 5.94 -14.47
N ALA B 222 -0.97 5.19 -15.42
CA ALA B 222 -1.11 3.75 -15.24
C ALA B 222 0.25 3.07 -15.19
N PHE B 223 1.19 3.51 -16.02
CA PHE B 223 2.54 2.96 -16.04
C PHE B 223 3.52 3.79 -15.23
N ALA B 224 3.04 4.40 -14.13
CA ALA B 224 3.90 5.19 -13.25
C ALA B 224 4.56 4.23 -12.27
N PHE B 225 5.70 3.69 -12.66
CA PHE B 225 6.42 2.73 -11.83
C PHE B 225 7.11 3.46 -10.69
N TRP B 226 6.75 3.09 -9.45
CA TRP B 226 7.42 3.62 -8.28
C TRP B 226 8.57 2.74 -7.80
N MET B 227 8.83 1.64 -8.49
CA MET B 227 9.94 0.75 -8.15
C MET B 227 10.17 -0.18 -9.34
N THR B 228 11.43 -0.43 -9.66
CA THR B 228 11.75 -1.33 -10.74
C THR B 228 11.44 -2.76 -10.33
N PRO B 229 10.54 -3.47 -11.02
CA PRO B 229 10.14 -4.81 -10.57
C PRO B 229 11.12 -5.86 -11.07
N SER B 230 11.76 -6.55 -10.14
CA SER B 230 12.61 -7.68 -10.48
C SER B 230 11.74 -8.90 -10.77
N VAL B 231 12.35 -9.89 -11.42
CA VAL B 231 11.60 -11.07 -11.86
C VAL B 231 10.94 -11.76 -10.68
N GLY B 232 11.63 -11.81 -9.54
CA GLY B 232 11.04 -12.37 -8.34
C GLY B 232 9.80 -11.62 -7.89
N HIS B 233 9.78 -10.30 -8.09
CA HIS B 233 8.59 -9.52 -7.74
C HIS B 233 7.40 -9.92 -8.60
N LEU B 234 7.62 -10.12 -9.91
CA LEU B 234 6.54 -10.60 -10.76
C LEU B 234 6.09 -11.99 -10.35
N ALA B 235 7.03 -12.87 -10.01
CA ALA B 235 6.66 -14.21 -9.58
C ALA B 235 5.81 -14.18 -8.31
N LEU B 236 6.20 -13.36 -7.35
CA LEU B 236 5.45 -13.25 -6.11
C LEU B 236 4.09 -12.60 -6.34
N ALA B 237 4.01 -11.63 -7.25
CA ALA B 237 2.73 -11.04 -7.59
C ALA B 237 1.81 -12.07 -8.23
N PHE B 238 2.36 -12.91 -9.11
CA PHE B 238 1.57 -13.98 -9.70
C PHE B 238 1.08 -14.97 -8.65
N LEU B 239 1.95 -15.32 -7.70
CA LEU B 239 1.53 -16.22 -6.62
C LEU B 239 0.42 -15.60 -5.78
N GLN B 240 0.53 -14.31 -5.46
CA GLN B 240 -0.51 -13.65 -4.70
C GLN B 240 -1.82 -13.59 -5.48
N GLY B 241 -1.74 -13.29 -6.78
CA GLY B 241 -2.95 -13.15 -7.59
C GLY B 241 -3.58 -14.46 -8.00
N SER B 242 -2.87 -15.57 -7.87
CA SER B 242 -3.46 -16.87 -8.18
C SER B 242 -4.26 -17.45 -7.03
N PHE B 243 -4.32 -16.76 -5.89
CA PHE B 243 -5.15 -17.24 -4.80
C PHE B 243 -6.63 -17.05 -5.10
N ALA B 244 -6.97 -16.03 -5.89
CA ALA B 244 -8.37 -15.79 -6.21
C ALA B 244 -8.97 -16.90 -7.06
N PHE B 245 -8.14 -17.54 -7.88
CA PHE B 245 -8.60 -18.61 -8.76
C PHE B 245 -8.60 -19.98 -8.10
N SER B 246 -8.13 -20.07 -6.85
CA SER B 246 -7.99 -21.37 -6.22
C SER B 246 -9.35 -22.04 -6.05
N GLY B 247 -9.36 -23.37 -6.20
CA GLY B 247 -10.59 -24.13 -6.20
C GLY B 247 -11.09 -24.55 -7.57
N TRP B 248 -10.41 -24.14 -8.64
CA TRP B 248 -10.80 -24.57 -9.98
C TRP B 248 -10.56 -26.05 -10.21
N ASN B 249 -9.78 -26.70 -9.34
CA ASN B 249 -9.58 -28.14 -9.42
C ASN B 249 -10.77 -28.94 -8.90
N PHE B 250 -11.62 -28.33 -8.07
CA PHE B 250 -12.67 -29.07 -7.39
C PHE B 250 -13.73 -29.60 -8.34
N LEU B 251 -13.77 -29.14 -9.59
CA LEU B 251 -14.67 -29.75 -10.57
C LEU B 251 -14.29 -31.19 -10.84
N ASN B 252 -13.00 -31.51 -10.83
CA ASN B 252 -12.56 -32.89 -10.97
C ASN B 252 -12.91 -33.73 -9.75
N TYR B 253 -13.10 -33.10 -8.59
CA TYR B 253 -13.52 -33.83 -7.40
C TYR B 253 -14.93 -34.38 -7.50
N VAL B 254 -15.74 -33.84 -8.41
CA VAL B 254 -17.14 -34.24 -8.52
C VAL B 254 -17.42 -34.75 -9.94
N THR B 255 -16.41 -35.36 -10.56
CA THR B 255 -16.51 -35.76 -11.97
C THR B 255 -17.58 -36.82 -12.19
N GLU B 256 -18.06 -37.48 -11.14
CA GLU B 256 -18.98 -38.59 -11.28
C GLU B 256 -20.45 -38.21 -11.13
N GLU B 257 -20.78 -36.91 -11.15
CA GLU B 257 -22.17 -36.50 -10.93
C GLU B 257 -22.63 -35.45 -11.94
N MET B 258 -22.38 -35.66 -13.23
CA MET B 258 -23.10 -34.98 -14.28
C MET B 258 -23.34 -35.95 -15.44
N VAL B 259 -24.19 -35.52 -16.37
CA VAL B 259 -24.51 -36.30 -17.56
C VAL B 259 -23.84 -35.66 -18.77
N ASP B 260 -23.17 -36.47 -19.58
CA ASP B 260 -22.48 -36.03 -20.78
C ASP B 260 -21.43 -34.95 -20.45
N ALA B 261 -20.46 -35.35 -19.63
CA ALA B 261 -19.39 -34.43 -19.26
C ALA B 261 -18.51 -34.08 -20.46
N ARG B 262 -18.29 -35.05 -21.36
CA ARG B 262 -17.35 -34.85 -22.46
C ARG B 262 -17.76 -33.68 -23.36
N LYS B 263 -19.06 -33.49 -23.58
CA LYS B 263 -19.51 -32.43 -24.46
C LYS B 263 -19.54 -31.06 -23.78
N ASN B 264 -20.17 -30.97 -22.62
CA ASN B 264 -20.36 -29.67 -21.98
C ASN B 264 -19.10 -29.15 -21.31
N LEU B 265 -18.22 -30.04 -20.82
CA LEU B 265 -17.13 -29.61 -19.96
C LEU B 265 -16.17 -28.64 -20.62
N PRO B 266 -15.61 -28.90 -21.81
CA PRO B 266 -14.71 -27.90 -22.41
C PRO B 266 -15.42 -26.58 -22.71
N ARG B 267 -16.65 -26.64 -23.22
CA ARG B 267 -17.42 -25.42 -23.43
C ARG B 267 -17.70 -24.73 -22.11
N ALA B 268 -17.90 -25.50 -21.05
CA ALA B 268 -18.09 -24.92 -19.72
C ALA B 268 -16.86 -24.12 -19.31
N ILE B 269 -15.67 -24.68 -19.52
CA ILE B 269 -14.44 -23.94 -19.20
C ILE B 269 -14.35 -22.67 -20.04
N PHE B 270 -14.62 -22.79 -21.35
CA PHE B 270 -14.47 -21.66 -22.25
C PHE B 270 -15.40 -20.51 -21.85
N ILE B 271 -16.65 -20.83 -21.50
CA ILE B 271 -17.57 -19.77 -21.10
C ILE B 271 -17.22 -19.23 -19.72
N SER B 272 -16.80 -20.11 -18.80
CA SER B 272 -16.68 -19.71 -17.41
C SER B 272 -15.39 -18.92 -17.15
N ILE B 273 -14.23 -19.55 -17.39
CA ILE B 273 -12.97 -18.99 -16.89
C ILE B 273 -12.66 -17.62 -17.47
N PRO B 274 -12.75 -17.40 -18.79
CA PRO B 274 -12.56 -16.03 -19.29
C PRO B 274 -13.52 -15.02 -18.69
N LEU B 275 -14.76 -15.42 -18.40
CA LEU B 275 -15.68 -14.54 -17.71
C LEU B 275 -15.17 -14.19 -16.33
N VAL B 276 -14.61 -15.15 -15.61
CA VAL B 276 -14.05 -14.89 -14.29
C VAL B 276 -12.88 -13.92 -14.40
N THR B 277 -12.02 -14.12 -15.40
CA THR B 277 -10.90 -13.21 -15.59
C THR B 277 -11.39 -11.79 -15.89
N PHE B 278 -12.41 -11.66 -16.73
CA PHE B 278 -12.96 -10.34 -17.03
C PHE B 278 -13.56 -9.70 -15.78
N VAL B 279 -14.25 -10.50 -14.95
CA VAL B 279 -14.86 -9.97 -13.73
C VAL B 279 -13.77 -9.46 -12.78
N TYR B 280 -12.70 -10.23 -12.62
CA TYR B 280 -11.60 -9.80 -11.75
C TYR B 280 -10.92 -8.55 -12.31
N THR B 281 -10.75 -8.49 -13.64
CA THR B 281 -10.18 -7.31 -14.27
C THR B 281 -11.03 -6.08 -14.01
N PHE B 282 -12.35 -6.21 -14.15
CA PHE B 282 -13.24 -5.08 -13.92
C PHE B 282 -13.23 -4.67 -12.45
N THR B 283 -13.16 -5.64 -11.54
CA THR B 283 -13.08 -5.31 -10.11
C THR B 283 -11.81 -4.53 -9.79
N ASN B 284 -10.67 -4.97 -10.36
CA ASN B 284 -9.43 -4.23 -10.16
C ASN B 284 -9.52 -2.83 -10.75
N ILE B 285 -10.15 -2.69 -11.91
CA ILE B 285 -10.32 -1.39 -12.53
C ILE B 285 -11.15 -0.48 -11.64
N ALA B 286 -12.24 -1.02 -11.07
CA ALA B 286 -13.07 -0.23 -10.16
C ALA B 286 -12.28 0.19 -8.93
N TYR B 287 -11.49 -0.73 -8.37
CA TYR B 287 -10.65 -0.37 -7.22
C TYR B 287 -9.69 0.76 -7.57
N PHE B 288 -9.11 0.71 -8.76
CA PHE B 288 -8.11 1.70 -9.15
C PHE B 288 -8.74 3.06 -9.46
N THR B 289 -9.95 3.07 -10.02
CA THR B 289 -10.67 4.34 -10.14
C THR B 289 -11.13 4.87 -8.79
N ALA B 290 -11.29 3.98 -7.80
CA ALA B 290 -11.69 4.43 -6.48
C ALA B 290 -10.55 5.06 -5.69
N MET B 291 -9.30 4.64 -5.94
CA MET B 291 -8.19 5.07 -5.10
C MET B 291 -6.94 5.40 -5.90
N SER B 292 -5.82 5.50 -5.18
CA SER B 292 -4.50 5.69 -5.78
C SER B 292 -3.58 4.61 -5.24
N PRO B 293 -2.45 4.34 -5.92
CA PRO B 293 -1.52 3.29 -5.46
C PRO B 293 -1.26 3.27 -3.97
N GLN B 294 -0.80 4.39 -3.41
CA GLN B 294 -0.53 4.43 -1.97
C GLN B 294 -1.84 4.48 -1.19
N GLU B 295 -2.87 5.11 -1.75
CA GLU B 295 -4.17 5.22 -1.09
C GLU B 295 -4.81 3.86 -0.93
N LEU B 296 -4.42 2.90 -1.78
CA LEU B 296 -4.90 1.53 -1.70
C LEU B 296 -3.95 0.61 -0.94
N LEU B 297 -2.64 0.77 -1.12
CA LEU B 297 -1.68 -0.10 -0.46
C LEU B 297 -1.70 0.11 1.06
N SER B 298 -1.89 1.34 1.51
CA SER B 298 -1.92 1.66 2.94
C SER B 298 -3.22 1.25 3.61
N SER B 299 -4.05 0.46 2.93
CA SER B 299 -5.34 0.03 3.45
C SER B 299 -5.31 -1.44 3.81
N ASN B 300 -5.77 -1.76 5.01
CA ASN B 300 -5.86 -3.15 5.44
C ASN B 300 -7.02 -3.89 4.80
N ALA B 301 -8.02 -3.17 4.28
CA ALA B 301 -9.16 -3.78 3.62
C ALA B 301 -9.61 -2.86 2.49
N VAL B 302 -9.47 -3.35 1.26
CA VAL B 302 -9.71 -2.48 0.11
C VAL B 302 -11.19 -2.16 -0.05
N ALA B 303 -12.06 -3.16 0.13
CA ALA B 303 -13.47 -2.98 -0.22
C ALA B 303 -14.18 -2.04 0.76
N VAL B 304 -13.83 -2.09 2.04
CA VAL B 304 -14.49 -1.22 3.00
C VAL B 304 -14.11 0.24 2.75
N THR B 305 -12.84 0.51 2.41
CA THR B 305 -12.45 1.87 2.07
C THR B 305 -13.10 2.31 0.77
N PHE B 306 -13.23 1.39 -0.19
CA PHE B 306 -13.95 1.69 -1.42
C PHE B 306 -15.38 2.13 -1.11
N GLY B 307 -16.05 1.39 -0.24
CA GLY B 307 -17.42 1.75 0.12
C GLY B 307 -17.50 3.07 0.87
N GLU B 308 -16.57 3.30 1.80
CA GLU B 308 -16.63 4.50 2.63
C GLU B 308 -16.20 5.75 1.86
N LYS B 309 -15.46 5.62 0.77
CA LYS B 309 -15.03 6.78 0.01
C LYS B 309 -15.82 6.99 -1.28
N LEU B 310 -16.53 5.98 -1.76
CA LEU B 310 -17.30 6.13 -2.99
C LEU B 310 -18.80 5.98 -2.79
N LEU B 311 -19.23 4.99 -2.01
CA LEU B 311 -20.67 4.76 -1.85
C LEU B 311 -21.30 5.81 -0.93
N GLY B 312 -20.56 6.26 0.08
CA GLY B 312 -21.07 7.30 0.97
C GLY B 312 -21.55 6.79 2.32
N TYR B 313 -22.71 7.30 2.77
CA TYR B 313 -23.24 6.89 4.06
C TYR B 313 -23.71 5.44 4.07
N PHE B 314 -24.10 4.91 2.92
CA PHE B 314 -24.55 3.52 2.83
C PHE B 314 -23.42 2.51 2.88
N SER B 315 -22.19 2.95 3.16
CA SER B 315 -21.04 2.01 3.09
C SER B 315 -21.20 0.86 4.07
N TRP B 316 -21.86 1.08 5.21
CA TRP B 316 -21.91 0.09 6.28
C TRP B 316 -22.43 -1.27 5.80
N VAL B 317 -23.21 -1.28 4.71
CA VAL B 317 -23.86 -2.51 4.28
C VAL B 317 -22.84 -3.50 3.71
N MET B 318 -21.90 -3.02 2.89
CA MET B 318 -21.08 -3.88 2.06
C MET B 318 -19.98 -4.67 2.79
N PRO B 319 -19.36 -4.17 3.87
CA PRO B 319 -18.46 -5.05 4.63
C PRO B 319 -19.18 -6.26 5.21
N VAL B 320 -20.46 -6.11 5.57
CA VAL B 320 -21.24 -7.27 5.94
C VAL B 320 -21.33 -8.26 4.79
N SER B 321 -21.49 -7.75 3.57
CA SER B 321 -21.55 -8.63 2.41
C SER B 321 -20.23 -9.38 2.22
N VAL B 322 -19.10 -8.69 2.38
CA VAL B 322 -17.81 -9.37 2.22
C VAL B 322 -17.59 -10.39 3.33
N ALA B 323 -18.02 -10.07 4.54
CA ALA B 323 -17.94 -11.04 5.63
C ALA B 323 -18.78 -12.27 5.32
N LEU B 324 -19.97 -12.06 4.77
CA LEU B 324 -20.81 -13.18 4.36
C LEU B 324 -20.13 -14.01 3.28
N SER B 325 -19.43 -13.35 2.36
CA SER B 325 -18.66 -14.07 1.35
C SER B 325 -17.58 -14.94 1.98
N THR B 326 -16.88 -14.41 2.99
CA THR B 326 -15.88 -15.21 3.68
C THR B 326 -16.53 -16.39 4.41
N PHE B 327 -17.71 -16.15 4.99
CA PHE B 327 -18.48 -17.24 5.60
C PHE B 327 -18.73 -18.35 4.58
N GLY B 328 -19.17 -17.97 3.38
CA GLY B 328 -19.42 -18.96 2.34
C GLY B 328 -18.17 -19.69 1.92
N GLY B 329 -17.05 -18.97 1.81
CA GLY B 329 -15.80 -19.62 1.48
C GLY B 329 -15.40 -20.67 2.52
N ILE B 330 -15.55 -20.32 3.80
CA ILE B 330 -15.22 -21.26 4.87
C ILE B 330 -16.14 -22.49 4.79
N ASN B 331 -17.43 -22.27 4.58
CA ASN B 331 -18.37 -23.39 4.52
C ASN B 331 -18.05 -24.32 3.35
N GLY B 332 -17.79 -23.74 2.17
CA GLY B 332 -17.43 -24.56 1.02
C GLY B 332 -16.14 -25.32 1.22
N TYR B 333 -15.16 -24.69 1.86
CA TYR B 333 -13.91 -25.37 2.13
C TYR B 333 -14.11 -26.52 3.10
N LEU B 334 -14.98 -26.35 4.10
CA LEU B 334 -15.28 -27.45 5.02
C LEU B 334 -15.98 -28.60 4.28
N PHE B 335 -16.90 -28.28 3.38
CA PHE B 335 -17.55 -29.33 2.59
C PHE B 335 -16.54 -30.11 1.77
N THR B 336 -15.67 -29.40 1.04
CA THR B 336 -14.65 -30.07 0.25
C THR B 336 -13.70 -30.87 1.12
N TYR B 337 -13.41 -30.37 2.32
CA TYR B 337 -12.54 -31.09 3.25
C TYR B 337 -13.16 -32.42 3.63
N SER B 338 -14.43 -32.39 4.04
CA SER B 338 -15.09 -33.63 4.46
C SER B 338 -15.16 -34.63 3.31
N ARG B 339 -15.47 -34.15 2.10
CA ARG B 339 -15.52 -35.04 0.96
C ARG B 339 -14.14 -35.63 0.65
N LEU B 340 -13.09 -34.82 0.78
CA LEU B 340 -11.74 -35.30 0.55
C LEU B 340 -11.35 -36.36 1.57
N CYS B 341 -11.72 -36.16 2.84
CA CYS B 341 -11.43 -37.16 3.85
C CYS B 341 -12.19 -38.45 3.58
N PHE B 342 -13.44 -38.34 3.12
CA PHE B 342 -14.20 -39.53 2.76
C PHE B 342 -13.49 -40.30 1.66
N SER B 343 -13.05 -39.59 0.61
CA SER B 343 -12.33 -40.24 -0.48
C SER B 343 -11.02 -40.86 0.00
N GLY B 344 -10.30 -40.16 0.87
CA GLY B 344 -9.02 -40.65 1.33
C GLY B 344 -9.14 -41.91 2.18
N ALA B 345 -10.09 -41.92 3.12
CA ALA B 345 -10.30 -43.11 3.93
C ALA B 345 -11.00 -44.22 3.15
N ARG B 346 -11.63 -43.88 2.02
CA ARG B 346 -12.21 -44.92 1.18
C ARG B 346 -11.13 -45.84 0.62
N GLU B 347 -10.00 -45.26 0.17
CA GLU B 347 -8.91 -46.09 -0.34
C GLU B 347 -8.15 -46.79 0.77
N GLY B 348 -7.89 -46.11 1.89
CA GLY B 348 -7.37 -46.77 3.07
C GLY B 348 -6.05 -46.26 3.62
N HIS B 349 -5.40 -45.29 2.96
CA HIS B 349 -4.19 -44.73 3.56
C HIS B 349 -4.48 -43.98 4.86
N LEU B 350 -5.56 -43.23 4.92
CA LEU B 350 -5.92 -42.58 6.16
C LEU B 350 -6.64 -43.55 7.08
N PRO B 351 -6.55 -43.35 8.39
CA PRO B 351 -7.33 -44.17 9.32
C PRO B 351 -8.82 -44.04 9.03
N SER B 352 -9.54 -45.14 9.21
CA SER B 352 -10.96 -45.20 8.91
C SER B 352 -11.80 -44.25 9.75
N LEU B 353 -11.27 -43.78 10.88
CA LEU B 353 -12.05 -42.91 11.77
C LEU B 353 -12.38 -41.57 11.14
N LEU B 354 -11.66 -41.16 10.10
CA LEU B 354 -11.87 -39.85 9.50
C LEU B 354 -13.02 -39.82 8.49
N ALA B 355 -13.63 -40.95 8.17
CA ALA B 355 -14.73 -41.00 7.23
C ALA B 355 -16.04 -41.44 7.85
N MET B 356 -16.06 -41.76 9.15
CA MET B 356 -17.28 -42.20 9.78
C MET B 356 -18.28 -41.05 9.92
N ILE B 357 -19.55 -41.38 9.78
CA ILE B 357 -20.62 -40.40 9.86
C ILE B 357 -21.38 -40.60 11.17
N HIS B 358 -22.03 -39.55 11.62
CA HIS B 358 -22.85 -39.63 12.82
C HIS B 358 -24.02 -40.57 12.60
N VAL B 359 -24.44 -41.22 13.69
CA VAL B 359 -25.55 -42.18 13.58
C VAL B 359 -26.84 -41.46 13.21
N ARG B 360 -27.07 -40.29 13.80
CA ARG B 360 -28.29 -39.53 13.55
C ARG B 360 -28.11 -38.49 12.45
N HIS B 361 -27.18 -37.56 12.64
CA HIS B 361 -27.00 -36.45 11.72
C HIS B 361 -26.14 -36.78 10.51
N CYS B 362 -25.40 -37.89 10.54
CA CYS B 362 -24.57 -38.34 9.42
C CYS B 362 -23.53 -37.28 9.05
N THR B 363 -22.71 -36.91 10.04
CA THR B 363 -21.68 -35.91 9.84
C THR B 363 -20.35 -36.40 10.43
N PRO B 364 -19.25 -36.18 9.72
CA PRO B 364 -17.91 -36.62 10.18
C PRO B 364 -17.19 -35.59 11.07
N ILE B 365 -17.59 -35.57 12.35
CA ILE B 365 -17.07 -34.58 13.30
C ILE B 365 -15.59 -34.75 13.64
N PRO B 366 -14.99 -35.96 13.63
CA PRO B 366 -13.55 -36.02 13.99
C PRO B 366 -12.66 -35.26 13.02
N ALA B 367 -12.90 -35.38 11.71
CA ALA B 367 -12.11 -34.64 10.74
C ALA B 367 -12.28 -33.14 10.93
N LEU B 368 -13.51 -32.70 11.17
CA LEU B 368 -13.76 -31.28 11.37
C LEU B 368 -13.01 -30.76 12.59
N LEU B 369 -13.02 -31.51 13.70
CA LEU B 369 -12.30 -31.06 14.88
C LEU B 369 -10.79 -31.05 14.62
N VAL B 370 -10.28 -32.05 13.91
CA VAL B 370 -8.85 -32.11 13.62
C VAL B 370 -8.42 -30.90 12.82
N CYS B 371 -9.18 -30.58 11.76
CA CYS B 371 -8.83 -29.43 10.93
C CYS B 371 -8.99 -28.12 11.69
N CYS B 372 -10.05 -28.01 12.51
CA CYS B 372 -10.22 -26.80 13.30
C CYS B 372 -9.02 -26.57 14.19
N GLY B 373 -8.53 -27.63 14.84
CA GLY B 373 -7.32 -27.51 15.63
C GLY B 373 -6.11 -27.11 14.80
N ALA B 374 -5.96 -27.72 13.62
CA ALA B 374 -4.80 -27.42 12.79
C ALA B 374 -4.79 -25.96 12.35
N THR B 375 -5.93 -25.44 11.88
CA THR B 375 -5.98 -24.05 11.45
C THR B 375 -5.85 -23.09 12.63
N ALA B 376 -6.43 -23.45 13.79
CA ALA B 376 -6.22 -22.61 14.97
C ALA B 376 -4.76 -22.57 15.36
N VAL B 377 -4.03 -23.66 15.13
CA VAL B 377 -2.59 -23.68 15.41
C VAL B 377 -1.85 -22.77 14.44
N ILE B 378 -2.14 -22.89 13.14
CA ILE B 378 -1.34 -22.13 12.16
C ILE B 378 -1.68 -20.65 12.24
N MET B 379 -2.94 -20.31 12.56
CA MET B 379 -3.36 -18.91 12.58
C MET B 379 -2.55 -18.10 13.56
N LEU B 380 -2.29 -18.63 14.75
CA LEU B 380 -1.53 -17.90 15.75
C LEU B 380 -0.03 -18.04 15.50
N VAL B 381 0.39 -17.85 14.25
CA VAL B 381 1.82 -17.90 13.92
C VAL B 381 2.20 -16.68 13.09
N GLY B 382 1.53 -16.48 11.96
CA GLY B 382 1.96 -15.49 11.00
C GLY B 382 0.90 -14.53 10.52
N ASP B 383 1.02 -14.08 9.27
CA ASP B 383 0.15 -13.06 8.69
C ASP B 383 -0.44 -13.59 7.39
N THR B 384 -1.37 -12.80 6.82
CA THR B 384 -2.08 -13.23 5.63
C THR B 384 -1.14 -13.34 4.43
N TYR B 385 -0.18 -12.42 4.32
CA TYR B 385 0.71 -12.40 3.17
C TYR B 385 1.56 -13.67 3.08
N THR B 386 2.22 -14.03 4.17
CA THR B 386 3.06 -15.22 4.18
C THR B 386 2.25 -16.47 3.94
N LEU B 387 1.08 -16.58 4.57
CA LEU B 387 0.24 -17.75 4.41
C LEU B 387 -0.24 -17.87 2.96
N ILE B 388 -0.59 -16.75 2.34
CA ILE B 388 -1.04 -16.78 0.95
C ILE B 388 0.08 -17.27 0.05
N ASN B 389 1.29 -16.73 0.26
CA ASN B 389 2.42 -17.18 -0.55
C ASN B 389 2.66 -18.67 -0.39
N TYR B 390 2.63 -19.15 0.85
CA TYR B 390 2.86 -20.56 1.14
C TYR B 390 1.83 -21.45 0.45
N VAL B 391 0.55 -21.13 0.63
CA VAL B 391 -0.50 -22.00 0.10
C VAL B 391 -0.51 -21.95 -1.42
N SER B 392 -0.26 -20.79 -2.02
CA SER B 392 -0.22 -20.71 -3.48
C SER B 392 0.95 -21.48 -4.04
N PHE B 393 2.11 -21.41 -3.39
CA PHE B 393 3.26 -22.18 -3.87
C PHE B 393 2.98 -23.68 -3.83
N ILE B 394 2.41 -24.17 -2.72
CA ILE B 394 2.14 -25.60 -2.67
C ILE B 394 1.03 -25.99 -3.65
N ASN B 395 0.03 -25.13 -3.83
CA ASN B 395 -0.97 -25.35 -4.87
C ASN B 395 -0.32 -25.58 -6.22
N TYR B 396 0.59 -24.68 -6.61
CA TYR B 396 1.22 -24.82 -7.92
C TYR B 396 2.12 -26.03 -7.99
N LEU B 397 2.80 -26.37 -6.90
CA LEU B 397 3.63 -27.57 -6.90
C LEU B 397 2.79 -28.82 -7.15
N CYS B 398 1.66 -28.93 -6.44
CA CYS B 398 0.79 -30.08 -6.64
C CYS B 398 0.21 -30.11 -8.05
N TYR B 399 -0.19 -28.96 -8.57
CA TYR B 399 -0.72 -28.91 -9.94
C TYR B 399 0.33 -29.37 -10.94
N GLY B 400 1.57 -28.90 -10.79
CA GLY B 400 2.63 -29.31 -11.69
C GLY B 400 2.93 -30.80 -11.58
N VAL B 401 2.90 -31.34 -10.36
CA VAL B 401 3.14 -32.77 -10.17
C VAL B 401 2.08 -33.58 -10.89
N THR B 402 0.81 -33.21 -10.73
CA THR B 402 -0.27 -33.94 -11.38
C THR B 402 -0.21 -33.80 -12.90
N ILE B 403 0.16 -32.61 -13.39
CA ILE B 403 0.23 -32.41 -14.83
C ILE B 403 1.38 -33.24 -15.43
N LEU B 404 2.51 -33.30 -14.72
CA LEU B 404 3.59 -34.17 -15.13
C LEU B 404 3.13 -35.63 -15.12
N GLY B 405 2.30 -36.01 -14.16
CA GLY B 405 1.73 -37.34 -14.17
C GLY B 405 0.89 -37.60 -15.40
N LEU B 406 0.12 -36.60 -15.82
CA LEU B 406 -0.66 -36.72 -17.05
C LEU B 406 0.25 -36.91 -18.26
N LEU B 407 1.34 -36.14 -18.32
CA LEU B 407 2.28 -36.30 -19.44
C LEU B 407 2.91 -37.69 -19.44
N LEU B 408 3.26 -38.20 -18.25
CA LEU B 408 3.82 -39.54 -18.16
C LEU B 408 2.81 -40.58 -18.61
N LEU B 409 1.54 -40.41 -18.24
CA LEU B 409 0.51 -41.34 -18.69
C LEU B 409 0.36 -41.30 -20.20
N ARG B 410 0.41 -40.10 -20.79
CA ARG B 410 0.31 -40.00 -22.25
C ARG B 410 1.49 -40.70 -22.93
N TRP B 411 2.70 -40.52 -22.40
CA TRP B 411 3.87 -41.14 -23.01
C TRP B 411 3.84 -42.66 -22.86
N ARG B 412 3.58 -43.15 -21.64
CA ARG B 412 3.59 -44.58 -21.39
C ARG B 412 2.45 -45.30 -22.07
N ARG B 413 1.24 -44.74 -22.02
CA ARG B 413 0.02 -45.43 -22.43
C ARG B 413 -0.74 -44.58 -23.45
N PRO B 414 -0.39 -44.70 -24.73
CA PRO B 414 -1.11 -43.94 -25.76
C PRO B 414 -2.33 -44.65 -26.33
N ALA B 415 -2.57 -45.92 -25.98
CA ALA B 415 -3.56 -46.73 -26.66
C ALA B 415 -4.95 -46.68 -26.03
N LEU B 416 -5.09 -46.11 -24.83
CA LEU B 416 -6.40 -46.07 -24.18
C LEU B 416 -7.30 -45.04 -24.84
N HIS B 417 -8.60 -45.31 -24.80
CA HIS B 417 -9.61 -44.44 -25.40
C HIS B 417 -9.76 -43.18 -24.55
N ARG B 418 -9.36 -42.05 -25.11
CA ARG B 418 -9.54 -40.75 -24.46
C ARG B 418 -10.56 -39.94 -25.25
N PRO B 419 -11.71 -39.61 -24.65
CA PRO B 419 -12.77 -38.92 -25.42
C PRO B 419 -12.33 -37.59 -26.03
N ILE B 420 -11.45 -36.85 -25.35
CA ILE B 420 -10.93 -35.59 -25.87
C ILE B 420 -9.41 -35.68 -25.93
N LYS B 421 -8.83 -34.99 -26.90
CA LYS B 421 -7.39 -34.97 -27.09
C LYS B 421 -6.91 -33.53 -27.17
N VAL B 422 -5.80 -33.24 -26.51
CA VAL B 422 -5.25 -31.88 -26.45
C VAL B 422 -3.87 -31.86 -27.08
N ASN B 423 -3.57 -30.75 -27.75
CA ASN B 423 -2.27 -30.59 -28.38
C ASN B 423 -1.18 -30.36 -27.34
N LEU B 424 0.02 -30.86 -27.64
CA LEU B 424 1.10 -30.91 -26.65
C LEU B 424 1.61 -29.52 -26.28
N LEU B 425 1.30 -28.48 -27.05
CA LEU B 425 1.78 -27.15 -26.72
C LEU B 425 1.24 -26.70 -25.37
N ILE B 426 -0.02 -27.02 -25.07
CA ILE B 426 -0.59 -26.65 -23.77
C ILE B 426 0.16 -27.29 -22.61
N PRO B 427 0.37 -28.61 -22.57
CA PRO B 427 1.16 -29.16 -21.45
C PRO B 427 2.60 -28.68 -21.43
N VAL B 428 3.27 -28.53 -22.57
CA VAL B 428 4.66 -28.10 -22.51
C VAL B 428 4.76 -26.66 -22.00
N ALA B 429 3.81 -25.81 -22.40
CA ALA B 429 3.77 -24.45 -21.87
C ALA B 429 3.53 -24.45 -20.37
N TYR B 430 2.61 -25.30 -19.91
CA TYR B 430 2.37 -25.37 -18.47
C TYR B 430 3.61 -25.85 -17.73
N LEU B 431 4.32 -26.83 -18.29
CA LEU B 431 5.54 -27.31 -17.65
C LEU B 431 6.60 -26.22 -17.58
N VAL B 432 6.81 -25.48 -18.67
CA VAL B 432 7.86 -24.46 -18.65
C VAL B 432 7.50 -23.32 -17.71
N PHE B 433 6.23 -22.91 -17.70
CA PHE B 433 5.82 -21.84 -16.78
C PHE B 433 5.94 -22.30 -15.34
N TRP B 434 5.56 -23.55 -15.07
CA TRP B 434 5.66 -24.09 -13.71
C TRP B 434 7.12 -24.14 -13.27
N ALA B 435 8.02 -24.57 -14.16
CA ALA B 435 9.43 -24.63 -13.81
C ALA B 435 9.98 -23.24 -13.53
N PHE B 436 9.69 -22.28 -14.41
CA PHE B 436 10.17 -20.92 -14.18
C PHE B 436 9.64 -20.36 -12.87
N LEU B 437 8.34 -20.56 -12.62
CA LEU B 437 7.73 -20.04 -11.40
C LEU B 437 8.36 -20.66 -10.16
N LEU B 438 8.61 -21.98 -10.18
CA LEU B 438 9.18 -22.61 -8.99
C LEU B 438 10.61 -22.14 -8.75
N VAL B 439 11.44 -22.06 -9.81
CA VAL B 439 12.81 -21.58 -9.59
C VAL B 439 12.80 -20.15 -9.07
N PHE B 440 11.91 -19.30 -9.62
CA PHE B 440 11.80 -17.94 -9.12
C PHE B 440 11.37 -17.92 -7.65
N SER B 441 10.46 -18.81 -7.28
CA SER B 441 9.97 -18.85 -5.91
C SER B 441 11.08 -19.25 -4.92
N PHE B 442 11.84 -20.29 -5.25
CA PHE B 442 12.96 -20.65 -4.37
C PHE B 442 14.02 -19.55 -4.33
N ILE B 443 14.32 -18.93 -5.47
CA ILE B 443 15.38 -17.92 -5.51
C ILE B 443 14.98 -16.70 -4.69
N SER B 444 13.76 -16.20 -4.88
CA SER B 444 13.39 -14.92 -4.30
C SER B 444 13.13 -15.03 -2.81
N GLU B 445 12.12 -15.80 -2.42
CA GLU B 445 11.75 -15.97 -1.02
C GLU B 445 11.89 -17.45 -0.71
N PRO B 446 13.00 -17.88 -0.10
CA PRO B 446 13.27 -19.32 0.01
C PRO B 446 12.64 -19.99 1.22
N MET B 447 12.33 -19.23 2.26
CA MET B 447 11.93 -19.83 3.53
C MET B 447 10.62 -20.61 3.41
N VAL B 448 9.59 -19.98 2.83
CA VAL B 448 8.27 -20.61 2.80
C VAL B 448 8.27 -21.83 1.89
N CYS B 449 8.87 -21.72 0.70
CA CYS B 449 8.91 -22.87 -0.20
C CYS B 449 9.76 -23.99 0.39
N GLY B 450 10.87 -23.64 1.04
CA GLY B 450 11.70 -24.65 1.67
C GLY B 450 10.98 -25.39 2.77
N VAL B 451 10.29 -24.65 3.64
CA VAL B 451 9.59 -25.30 4.74
C VAL B 451 8.42 -26.13 4.22
N GLY B 452 7.73 -25.65 3.18
CA GLY B 452 6.67 -26.46 2.59
C GLY B 452 7.19 -27.75 1.99
N VAL B 453 8.32 -27.68 1.29
CA VAL B 453 8.93 -28.88 0.74
C VAL B 453 9.33 -29.82 1.86
N ILE B 454 9.84 -29.27 2.97
CA ILE B 454 10.23 -30.10 4.11
C ILE B 454 9.01 -30.84 4.67
N ILE B 455 7.88 -30.13 4.83
CA ILE B 455 6.71 -30.77 5.41
C ILE B 455 6.13 -31.82 4.48
N ILE B 456 6.11 -31.57 3.17
CA ILE B 456 5.58 -32.61 2.29
C ILE B 456 6.53 -33.81 2.24
N LEU B 457 7.84 -33.57 2.27
CA LEU B 457 8.80 -34.67 2.27
C LEU B 457 8.72 -35.48 3.54
N THR B 458 8.36 -34.86 4.66
CA THR B 458 8.19 -35.61 5.91
C THR B 458 7.04 -36.59 5.84
N GLY B 459 6.18 -36.48 4.82
CA GLY B 459 5.11 -37.44 4.64
C GLY B 459 5.52 -38.77 4.05
N VAL B 460 6.77 -38.90 3.64
CA VAL B 460 7.29 -40.15 3.07
C VAL B 460 7.58 -41.17 4.18
N PRO B 461 8.36 -40.84 5.22
CA PRO B 461 8.61 -41.86 6.26
C PRO B 461 7.36 -42.32 6.97
N ILE B 462 6.40 -41.42 7.21
CA ILE B 462 5.15 -41.84 7.85
C ILE B 462 4.36 -42.75 6.92
N PHE B 463 4.40 -42.49 5.61
CA PHE B 463 3.76 -43.39 4.66
C PHE B 463 4.41 -44.77 4.70
N PHE B 464 5.75 -44.81 4.72
CA PHE B 464 6.45 -46.09 4.73
C PHE B 464 6.16 -46.85 6.01
N LEU B 465 6.07 -46.16 7.15
CA LEU B 465 5.76 -46.80 8.42
C LEU B 465 4.28 -47.11 8.59
N GLY B 466 3.41 -46.54 7.75
CA GLY B 466 1.99 -46.78 7.89
C GLY B 466 1.41 -47.79 6.92
N VAL B 467 1.74 -47.64 5.64
CA VAL B 467 1.16 -48.47 4.58
C VAL B 467 2.17 -49.47 4.03
N PHE B 468 3.40 -49.03 3.77
CA PHE B 468 4.41 -49.94 3.22
C PHE B 468 4.89 -50.96 4.24
N TRP B 469 4.55 -50.78 5.52
CA TRP B 469 5.03 -51.64 6.60
C TRP B 469 3.79 -52.40 7.09
N ARG B 470 3.56 -53.57 6.52
CA ARG B 470 2.28 -54.28 6.64
C ARG B 470 2.30 -55.42 7.65
N SER B 471 3.35 -55.53 8.46
CA SER B 471 3.47 -56.59 9.44
C SER B 471 3.46 -56.03 10.86
N LYS B 472 2.56 -55.09 11.11
CA LYS B 472 2.56 -54.38 12.38
C LYS B 472 2.38 -55.36 13.53
N PRO B 473 3.14 -55.20 14.62
CA PRO B 473 3.06 -56.16 15.74
C PRO B 473 1.78 -56.01 16.54
N LYS B 474 1.66 -56.80 17.61
CA LYS B 474 0.46 -56.73 18.44
C LYS B 474 0.36 -55.39 19.18
N CYS B 475 1.50 -54.76 19.49
CA CYS B 475 1.46 -53.47 20.17
C CYS B 475 0.83 -52.39 19.30
N VAL B 476 1.30 -52.28 18.06
CA VAL B 476 0.80 -51.23 17.17
C VAL B 476 -0.67 -51.47 16.84
N HIS B 477 -1.04 -52.71 16.53
CA HIS B 477 -2.44 -53.01 16.23
C HIS B 477 -3.32 -52.78 17.44
N ARG B 478 -2.84 -53.15 18.63
CA ARG B 478 -3.62 -52.91 19.85
C ARG B 478 -3.82 -51.42 20.10
N LEU B 479 -2.77 -50.62 19.91
CA LEU B 479 -2.92 -49.18 20.08
C LEU B 479 -3.90 -48.60 19.05
N THR B 480 -3.80 -49.08 17.80
CA THR B 480 -4.70 -48.59 16.76
C THR B 480 -6.15 -48.93 17.07
N GLU B 481 -6.41 -50.16 17.51
CA GLU B 481 -7.79 -50.55 17.80
C GLU B 481 -8.31 -49.87 19.05
N SER B 482 -7.45 -49.63 20.04
CA SER B 482 -7.84 -48.90 21.24
C SER B 482 -8.25 -47.47 20.88
N MET B 483 -7.43 -46.81 20.05
CA MET B 483 -7.77 -45.48 19.58
C MET B 483 -9.05 -45.50 18.76
N THR B 484 -9.24 -46.52 17.94
CA THR B 484 -10.46 -46.65 17.15
C THR B 484 -11.68 -46.72 18.05
N HIS B 485 -11.67 -47.63 19.02
CA HIS B 485 -12.82 -47.79 19.90
C HIS B 485 -13.06 -46.55 20.75
N TRP B 486 -11.99 -45.90 21.20
CA TRP B 486 -12.15 -44.65 21.94
C TRP B 486 -12.79 -43.58 21.09
N GLY B 487 -12.39 -43.48 19.82
CA GLY B 487 -13.02 -42.53 18.93
C GLY B 487 -14.49 -42.86 18.69
N GLN B 488 -14.80 -44.14 18.52
CA GLN B 488 -16.20 -44.53 18.32
C GLN B 488 -17.05 -44.14 19.52
N GLU B 489 -16.56 -44.42 20.73
CA GLU B 489 -17.37 -44.13 21.91
C GLU B 489 -17.40 -42.64 22.23
N LEU B 490 -16.39 -41.88 21.81
CA LEU B 490 -16.41 -40.44 22.06
C LEU B 490 -17.29 -39.70 21.06
N CYS B 491 -17.18 -40.04 19.77
CA CYS B 491 -17.86 -39.28 18.73
C CYS B 491 -19.22 -39.84 18.34
N PHE B 492 -19.51 -41.09 18.69
CA PHE B 492 -20.78 -41.74 18.33
C PHE B 492 -20.99 -41.72 16.82
N VAL B 493 -20.01 -42.28 16.09
CA VAL B 493 -20.02 -42.30 14.64
C VAL B 493 -19.83 -43.74 14.18
N VAL B 494 -20.36 -44.04 12.99
CA VAL B 494 -20.28 -45.38 12.41
C VAL B 494 -19.79 -45.28 10.98
N TYR B 495 -19.31 -46.41 10.46
CA TYR B 495 -18.84 -46.46 9.09
C TYR B 495 -20.01 -46.27 8.13
N PRO B 496 -19.86 -45.44 7.10
CA PRO B 496 -20.93 -45.27 6.11
C PRO B 496 -21.21 -46.57 5.38
N GLN B 497 -22.48 -46.77 5.02
CA GLN B 497 -22.90 -47.96 4.30
C GLN B 497 -22.84 -47.75 2.80
#